data_6NEI
#
_entry.id   6NEI
#
_cell.length_a   65.628
_cell.length_b   92.439
_cell.length_c   135.283
_cell.angle_alpha   90.00
_cell.angle_beta   90.00
_cell.angle_gamma   90.00
#
_symmetry.space_group_name_H-M   'P 21 21 21'
#
loop_
_entity.id
_entity.type
_entity.pdbx_description
1 polymer '(S)-scoulerine 9-O-methyltransferase'
2 non-polymer 'SULFATE ION'
3 water water
#
_entity_poly.entity_id   1
_entity_poly.type   'polypeptide(L)'
_entity_poly.pdbx_seq_one_letter_code
;MGSSHHHHHHSSGLVPRGSHMALQEGVNYLSGLGLSRLICLPMALRAAIELNVFEIIFQAGPEAQLSPAEIVAKIPTKNP
NAAIALDRILRMLGASSILSVTTMKDGRVYGLTEESRCLVADKNGVSVVPMLLFTSDKAVVESFYNIKDVVLEEGVIPFD
RTHGMDFFAYAGKEQSVNKSFNQAMGAGSTIAFDEVFKVYKGFHDLKELVNVGGGIGTSLSNIIFKYPHIKGINFELPHV
IADAPNYPGVEHIAGNMFEGVPNAQNILLKWVLHDWDDERSIKILQNCWKALPEGGTVIVVEFVLPQILGNNAESFNALT
PDLLMMTLNPGGKERTTTEFDGLAKAAGFAETKFFPISQGLHVMEFHKATAGVAS
;
_entity_poly.pdbx_strand_id   A,B
#
loop_
_chem_comp.id
_chem_comp.type
_chem_comp.name
_chem_comp.formula
SO4 non-polymer 'SULFATE ION' 'O4 S -2'
#
# COMPACT_ATOMS: atom_id res chain seq x y z
N SER A 11 15.01 12.59 -26.60
CA SER A 11 15.81 12.76 -25.41
C SER A 11 17.17 13.31 -25.76
N SER A 12 17.49 14.51 -25.25
CA SER A 12 18.76 15.14 -25.56
C SER A 12 19.88 14.49 -24.74
N GLY A 13 21.10 14.77 -25.14
CA GLY A 13 22.23 14.22 -24.43
C GLY A 13 22.83 13.00 -25.07
N LEU A 14 24.14 12.91 -24.93
CA LEU A 14 24.92 11.79 -25.42
C LEU A 14 25.35 10.96 -24.22
N VAL A 15 25.00 9.67 -24.24
CA VAL A 15 25.32 8.79 -23.09
C VAL A 15 26.34 7.72 -23.48
N PRO A 16 27.60 7.89 -23.11
CA PRO A 16 28.59 6.85 -23.38
C PRO A 16 28.39 5.69 -22.42
N ARG A 17 28.61 4.48 -22.93
CA ARG A 17 28.66 3.33 -22.04
C ARG A 17 29.69 3.57 -20.95
N GLY A 18 30.91 3.94 -21.36
CA GLY A 18 31.89 4.38 -20.39
C GLY A 18 32.34 3.23 -19.50
N SER A 19 32.72 3.58 -18.27
CA SER A 19 33.19 2.59 -17.32
C SER A 19 32.07 2.17 -16.38
N HIS A 20 32.36 1.17 -15.56
CA HIS A 20 31.37 0.59 -14.67
C HIS A 20 31.15 1.45 -13.42
N MET A 21 29.88 1.64 -13.06
CA MET A 21 29.55 2.38 -11.84
C MET A 21 30.09 1.66 -10.61
N ALA A 22 30.73 2.41 -9.71
CA ALA A 22 31.19 1.86 -8.46
C ALA A 22 29.99 1.58 -7.57
N LEU A 23 30.01 0.42 -6.94
CA LEU A 23 28.90 0.00 -6.10
C LEU A 23 28.99 0.65 -4.72
N GLN A 24 27.83 0.78 -4.09
CA GLN A 24 27.81 1.22 -2.70
C GLN A 24 28.18 0.04 -1.80
N GLU A 25 28.76 0.34 -0.64
CA GLU A 25 29.17 -0.68 0.31
C GLU A 25 28.10 -0.84 1.38
N GLY A 26 27.71 -2.09 1.64
CA GLY A 26 26.77 -2.42 2.68
C GLY A 26 25.32 -2.33 2.23
N VAL A 27 24.45 -2.75 3.13
CA VAL A 27 23.01 -2.57 2.98
C VAL A 27 22.62 -1.32 3.74
N ASN A 28 21.91 -0.43 3.10
CA ASN A 28 21.45 0.77 3.78
C ASN A 28 20.02 0.50 4.26
N TYR A 29 19.88 0.18 5.54
CA TYR A 29 18.54 -0.14 6.02
C TYR A 29 17.67 1.09 6.09
N LEU A 30 18.24 2.29 6.12
CA LEU A 30 17.39 3.47 6.17
C LEU A 30 16.53 3.60 4.91
N SER A 31 17.02 3.14 3.76
CA SER A 31 16.20 3.18 2.56
C SER A 31 15.02 2.23 2.67
N GLY A 32 15.24 1.08 3.32
CA GLY A 32 14.15 0.12 3.50
C GLY A 32 13.05 0.61 4.40
N LEU A 33 13.33 1.57 5.29
CA LEU A 33 12.24 2.18 6.04
C LEU A 33 11.19 2.76 5.10
N GLY A 34 11.60 3.18 3.90
CA GLY A 34 10.65 3.75 2.94
C GLY A 34 9.59 2.76 2.43
N LEU A 35 9.76 1.48 2.71
CA LEU A 35 8.74 0.50 2.34
C LEU A 35 7.43 0.74 3.09
N SER A 36 7.45 1.53 4.16
CA SER A 36 6.18 1.96 4.73
C SER A 36 5.35 2.82 3.78
N ARG A 37 5.91 3.33 2.69
CA ARG A 37 5.09 4.04 1.69
C ARG A 37 3.99 3.13 1.11
N LEU A 38 4.12 1.81 1.26
CA LEU A 38 3.22 0.95 0.52
C LEU A 38 1.83 0.91 1.14
N ILE A 39 1.74 0.92 2.48
CA ILE A 39 0.43 0.98 3.10
C ILE A 39 -0.10 2.40 3.16
N CYS A 40 0.77 3.41 3.24
CA CYS A 40 0.27 4.77 3.40
C CYS A 40 -0.37 5.28 2.12
N LEU A 41 0.19 4.98 1.05
CA LEU A 41 -0.33 5.50 -0.22
C LEU A 41 -1.76 5.06 -0.53
N PRO A 42 -2.15 3.85 -0.44
CA PRO A 42 -3.55 3.54 -0.72
C PRO A 42 -4.51 4.15 0.27
N MET A 43 -4.12 4.31 1.53
CA MET A 43 -5.06 4.90 2.47
C MET A 43 -5.14 6.42 2.27
N ALA A 44 -4.03 7.05 1.90
CA ALA A 44 -4.06 8.45 1.49
C ALA A 44 -4.92 8.62 0.25
N LEU A 45 -4.76 7.72 -0.71
CA LEU A 45 -5.59 7.81 -1.92
C LEU A 45 -7.07 7.65 -1.58
N ARG A 46 -7.41 6.67 -0.73
CA ARG A 46 -8.80 6.47 -0.36
C ARG A 46 -9.39 7.75 0.28
N ALA A 47 -8.65 8.39 1.18
CA ALA A 47 -9.12 9.61 1.82
C ALA A 47 -9.39 10.71 0.78
N ALA A 48 -8.47 10.87 -0.19
CA ALA A 48 -8.61 11.93 -1.18
C ALA A 48 -9.82 11.69 -2.07
N ILE A 49 -10.06 10.42 -2.44
CA ILE A 49 -11.27 10.05 -3.18
C ILE A 49 -12.52 10.40 -2.39
N GLU A 50 -12.53 10.03 -1.10
CA GLU A 50 -13.72 10.29 -0.29
C GLU A 50 -13.93 11.78 -0.01
N LEU A 51 -12.88 12.59 -0.05
CA LEU A 51 -13.00 14.04 0.09
C LEU A 51 -13.26 14.73 -1.24
N ASN A 52 -13.31 13.96 -2.33
CA ASN A 52 -13.64 14.42 -3.68
C ASN A 52 -12.56 15.32 -4.27
N VAL A 53 -11.31 15.12 -3.89
CA VAL A 53 -10.23 16.01 -4.27
C VAL A 53 -10.07 16.06 -5.78
N PHE A 54 -10.22 14.90 -6.46
CA PHE A 54 -9.88 14.86 -7.88
C PHE A 54 -10.90 15.60 -8.71
N GLU A 55 -12.19 15.47 -8.37
CA GLU A 55 -13.22 16.23 -9.06
C GLU A 55 -13.12 17.72 -8.75
N ILE A 56 -12.74 18.07 -7.52
CA ILE A 56 -12.55 19.48 -7.20
C ILE A 56 -11.45 20.09 -8.05
N ILE A 57 -10.32 19.37 -8.21
CA ILE A 57 -9.28 19.87 -9.08
C ILE A 57 -9.77 19.94 -10.52
N PHE A 58 -10.44 18.89 -10.98
CA PHE A 58 -10.88 18.85 -12.38
C PHE A 58 -11.81 20.01 -12.70
N GLN A 59 -12.67 20.36 -11.75
CA GLN A 59 -13.66 21.42 -11.96
C GLN A 59 -12.99 22.76 -12.18
N ALA A 60 -11.78 22.94 -11.64
CA ALA A 60 -11.04 24.18 -11.85
C ALA A 60 -10.48 24.31 -13.25
N GLY A 61 -10.51 23.24 -14.06
CA GLY A 61 -10.15 23.34 -15.47
C GLY A 61 -8.83 22.71 -15.87
N GLU A 63 -5.74 21.80 -16.78
CA GLU A 63 -4.41 21.74 -16.15
C GLU A 63 -4.29 22.67 -14.94
N ALA A 64 -5.39 22.81 -14.21
CA ALA A 64 -5.40 23.57 -12.96
C ALA A 64 -4.52 22.91 -11.90
N GLN A 65 -3.89 23.74 -11.05
CA GLN A 65 -3.26 23.27 -9.83
C GLN A 65 -3.76 24.14 -8.69
N LEU A 66 -4.24 23.48 -7.64
CA LEU A 66 -4.98 24.15 -6.56
C LEU A 66 -4.20 24.00 -5.27
N SER A 67 -4.25 25.05 -4.45
CA SER A 67 -3.67 25.00 -3.12
C SER A 67 -4.57 24.18 -2.21
N PRO A 68 -4.03 23.68 -1.09
CA PRO A 68 -4.90 23.04 -0.10
C PRO A 68 -6.04 23.95 0.35
N ALA A 69 -5.82 25.28 0.50
CA ALA A 69 -6.94 26.16 0.87
C ALA A 69 -8.02 26.21 -0.22
N GLU A 70 -7.62 26.21 -1.49
CA GLU A 70 -8.61 26.24 -2.56
C GLU A 70 -9.38 24.92 -2.62
N ILE A 71 -8.74 23.82 -2.25
CA ILE A 71 -9.42 22.53 -2.31
C ILE A 71 -10.42 22.41 -1.17
N VAL A 72 -9.99 22.75 0.05
CA VAL A 72 -10.91 22.61 1.19
C VAL A 72 -12.02 23.63 1.12
N ALA A 73 -11.86 24.70 0.33
CA ALA A 73 -12.98 25.64 0.11
C ALA A 73 -14.20 24.96 -0.50
N LYS A 74 -13.98 23.83 -1.18
CA LYS A 74 -15.06 23.11 -1.87
C LYS A 74 -15.50 21.85 -1.12
N ILE A 75 -14.95 21.62 0.07
CA ILE A 75 -15.29 20.46 0.91
C ILE A 75 -16.22 20.92 2.02
N PRO A 76 -17.32 20.17 2.33
CA PRO A 76 -18.23 20.60 3.40
C PRO A 76 -17.62 20.36 4.76
N THR A 77 -16.84 21.34 5.20
CA THR A 77 -16.23 21.34 6.51
C THR A 77 -16.22 22.79 6.98
N LYS A 78 -16.18 22.98 8.29
CA LYS A 78 -15.86 24.29 8.82
C LYS A 78 -14.62 24.26 9.69
N ASN A 79 -13.93 23.12 9.74
CA ASN A 79 -12.68 22.97 10.49
C ASN A 79 -11.66 24.00 10.01
N PRO A 80 -11.26 24.92 10.88
CA PRO A 80 -10.31 25.96 10.45
C PRO A 80 -8.95 25.40 10.06
N ASN A 81 -8.57 24.24 10.58
CA ASN A 81 -7.30 23.61 10.27
C ASN A 81 -7.42 22.57 9.14
N ALA A 82 -8.47 22.65 8.32
CA ALA A 82 -8.68 21.62 7.32
C ALA A 82 -7.56 21.62 6.28
N ALA A 83 -7.08 22.80 5.88
CA ALA A 83 -6.10 22.86 4.79
C ALA A 83 -4.77 22.23 5.20
N ILE A 84 -4.32 22.51 6.43
CA ILE A 84 -3.06 21.93 6.90
C ILE A 84 -3.18 20.43 7.02
N ALA A 85 -4.33 19.95 7.50
CA ALA A 85 -4.55 18.51 7.56
C ALA A 85 -4.58 17.91 6.16
N LEU A 86 -5.31 18.53 5.25
CA LEU A 86 -5.42 17.97 3.90
C LEU A 86 -4.05 17.92 3.22
N ASP A 87 -3.21 18.92 3.46
CA ASP A 87 -1.90 18.96 2.79
C ASP A 87 -1.03 17.76 3.16
N ARG A 88 -1.18 17.22 4.37
CA ARG A 88 -0.41 16.04 4.75
C ARG A 88 -0.76 14.82 3.91
N ILE A 89 -2.04 14.70 3.53
CA ILE A 89 -2.50 13.67 2.62
C ILE A 89 -2.05 13.95 1.19
N LEU A 90 -2.21 15.20 0.72
CA LEU A 90 -1.90 15.50 -0.68
C LEU A 90 -0.40 15.38 -0.95
N ARG A 91 0.42 15.72 0.05
CA ARG A 91 1.88 15.63 -0.09
C ARG A 91 2.30 14.21 -0.44
N MET A 92 1.64 13.23 0.17
CA MET A 92 1.92 11.83 -0.06
C MET A 92 1.52 11.44 -1.48
N LEU A 93 0.37 11.92 -1.94
CA LEU A 93 -0.06 11.64 -3.32
C LEU A 93 0.81 12.36 -4.35
N GLY A 94 1.26 13.57 -4.03
CA GLY A 94 2.21 14.22 -4.92
C GLY A 94 3.56 13.53 -4.98
N ALA A 95 4.08 13.11 -3.83
CA ALA A 95 5.37 12.41 -3.87
C ALA A 95 5.29 11.13 -4.69
N SER A 96 4.13 10.48 -4.70
CA SER A 96 3.91 9.21 -5.39
C SER A 96 3.46 9.37 -6.84
N SER A 97 3.40 10.60 -7.35
CA SER A 97 3.01 10.93 -8.72
C SER A 97 1.54 10.67 -9.05
N ILE A 98 0.69 10.57 -8.03
CA ILE A 98 -0.76 10.55 -8.28
C ILE A 98 -1.27 11.96 -8.56
N LEU A 99 -0.70 12.98 -7.92
CA LEU A 99 -0.97 14.37 -8.19
C LEU A 99 0.29 15.05 -8.72
N SER A 100 0.09 16.04 -9.59
CA SER A 100 1.21 16.88 -10.00
C SER A 100 1.39 17.96 -8.95
N VAL A 101 2.62 18.44 -8.80
CA VAL A 101 2.96 19.37 -7.74
C VAL A 101 3.78 20.50 -8.32
N THR A 102 3.42 21.72 -7.99
CA THR A 102 4.28 22.88 -8.17
C THR A 102 4.52 23.47 -6.78
N THR A 103 5.79 23.67 -6.43
CA THR A 103 6.17 24.16 -5.11
C THR A 103 6.40 25.66 -5.23
N MET A 104 5.50 26.45 -4.63
CA MET A 104 5.60 27.90 -4.72
C MET A 104 6.11 28.56 -3.44
N GLY A 107 3.40 27.84 -0.58
CA GLY A 107 3.27 26.40 -0.47
C GLY A 107 3.07 25.67 -1.79
N ARG A 108 2.67 24.41 -1.70
CA ARG A 108 2.46 23.56 -2.88
C ARG A 108 1.06 23.75 -3.45
N VAL A 109 0.96 23.60 -4.78
CA VAL A 109 -0.33 23.45 -5.44
C VAL A 109 -0.35 22.11 -6.18
N TYR A 110 -1.54 21.54 -6.35
CA TYR A 110 -1.69 20.17 -6.79
C TYR A 110 -2.61 20.07 -8.00
N GLY A 111 -2.25 19.25 -8.99
CA GLY A 111 -3.12 19.00 -10.13
C GLY A 111 -3.21 17.52 -10.46
N LEU A 112 -3.99 17.23 -11.50
CA LEU A 112 -4.13 15.87 -11.95
C LEU A 112 -2.90 15.46 -12.75
N THR A 113 -2.67 14.17 -12.80
CA THR A 113 -1.69 13.58 -13.70
C THR A 113 -2.40 12.58 -14.60
N GLU A 114 -1.70 12.09 -15.62
CA GLU A 114 -2.28 11.06 -16.47
C GLU A 114 -2.82 9.91 -15.63
N GLU A 115 -2.06 9.51 -14.60
CA GLU A 115 -2.43 8.42 -13.70
C GLU A 115 -3.77 8.68 -12.99
N SER A 116 -4.05 9.92 -12.62
CA SER A 116 -5.23 10.21 -11.81
C SER A 116 -6.43 10.71 -12.62
N ARG A 117 -6.29 10.87 -13.94
CA ARG A 117 -7.43 11.33 -14.73
C ARG A 117 -8.59 10.35 -14.66
N CYS A 118 -8.30 9.06 -14.44
CA CYS A 118 -9.35 8.03 -14.40
C CYS A 118 -10.18 8.11 -13.13
N LEU A 119 -9.82 8.97 -12.19
CA LEU A 119 -10.58 9.12 -10.96
C LEU A 119 -11.69 10.15 -11.10
N VAL A 120 -11.81 10.74 -12.27
CA VAL A 120 -12.82 11.75 -12.57
C VAL A 120 -13.87 11.08 -13.47
N ALA A 121 -15.14 11.22 -13.11
CA ALA A 121 -16.22 10.59 -13.88
C ALA A 121 -16.36 11.20 -15.26
N ASP A 122 -16.64 10.35 -16.25
CA ASP A 122 -16.86 10.81 -17.62
C ASP A 122 -18.27 11.40 -17.75
N LYS A 123 -18.65 11.68 -18.99
CA LYS A 123 -19.94 12.21 -19.41
C LYS A 123 -21.10 11.44 -18.79
N ASN A 124 -20.96 10.12 -18.72
CA ASN A 124 -22.00 9.23 -18.23
C ASN A 124 -21.81 8.85 -16.78
N GLY A 125 -20.94 9.52 -16.05
CA GLY A 125 -20.81 9.26 -14.63
C GLY A 125 -19.95 8.06 -14.25
N VAL A 126 -19.19 7.49 -15.19
CA VAL A 126 -18.37 6.31 -14.92
C VAL A 126 -16.93 6.72 -14.66
N SER A 127 -16.32 6.12 -13.64
CA SER A 127 -14.90 6.23 -13.35
C SER A 127 -14.45 4.91 -12.73
N VAL A 128 -13.16 4.82 -12.38
CA VAL A 128 -12.68 3.64 -11.67
C VAL A 128 -12.93 3.71 -10.18
N VAL A 129 -13.47 4.84 -9.68
CA VAL A 129 -13.62 5.02 -8.24
C VAL A 129 -14.36 3.87 -7.56
N PRO A 130 -15.48 3.37 -8.08
CA PRO A 130 -16.17 2.29 -7.34
C PRO A 130 -15.30 1.05 -7.15
N MET A 131 -14.47 0.72 -8.15
CA MET A 131 -13.59 -0.43 -7.98
C MET A 131 -12.54 -0.17 -6.91
N LEU A 132 -11.95 1.02 -6.92
CA LEU A 132 -10.89 1.32 -5.96
C LEU A 132 -11.43 1.34 -4.53
N LEU A 133 -12.65 1.85 -4.35
CA LEU A 133 -13.25 1.92 -3.02
C LEU A 133 -13.61 0.53 -2.51
N PHE A 134 -14.07 -0.35 -3.39
CA PHE A 134 -14.39 -1.71 -2.97
C PHE A 134 -13.12 -2.50 -2.61
N THR A 135 -12.11 -2.48 -3.48
CA THR A 135 -10.94 -3.32 -3.25
C THR A 135 -10.15 -2.88 -2.02
N SER A 136 -10.31 -1.64 -1.54
CA SER A 136 -9.68 -1.19 -0.30
C SER A 136 -10.67 -1.06 0.84
N ASP A 137 -11.86 -1.65 0.69
CA ASP A 137 -12.89 -1.59 1.72
C ASP A 137 -12.39 -2.29 2.98
N LYS A 138 -12.79 -1.79 4.14
CA LYS A 138 -12.29 -2.33 5.40
C LYS A 138 -12.49 -3.85 5.51
N ALA A 139 -13.65 -4.36 5.08
CA ALA A 139 -13.90 -5.79 5.24
C ALA A 139 -12.97 -6.62 4.36
N VAL A 140 -12.63 -6.10 3.17
CA VAL A 140 -11.67 -6.79 2.31
C VAL A 140 -10.27 -6.69 2.89
N VAL A 141 -9.84 -5.49 3.28
CA VAL A 141 -8.48 -5.34 3.79
C VAL A 141 -8.30 -6.14 5.09
N GLU A 142 -9.34 -6.21 5.93
CA GLU A 142 -9.20 -7.03 7.13
C GLU A 142 -8.92 -8.50 6.79
N SER A 143 -9.54 -9.01 5.71
CA SER A 143 -9.31 -10.40 5.35
C SER A 143 -7.93 -10.61 4.73
N PHE A 144 -7.36 -9.60 4.09
CA PHE A 144 -6.02 -9.72 3.51
C PHE A 144 -4.96 -10.07 4.55
N TYR A 145 -5.21 -9.77 5.84
CA TYR A 145 -4.27 -10.16 6.89
C TYR A 145 -4.10 -11.66 6.99
N ASN A 146 -5.06 -12.43 6.46
CA ASN A 146 -5.03 -13.88 6.55
C ASN A 146 -4.74 -14.56 5.23
N ILE A 147 -4.23 -13.83 4.23
CA ILE A 147 -3.95 -14.46 2.94
C ILE A 147 -2.89 -15.55 3.07
N LYS A 148 -1.99 -15.44 4.04
CA LYS A 148 -0.96 -16.47 4.18
C LYS A 148 -1.54 -17.83 4.55
N ASP A 149 -2.77 -17.86 5.08
CA ASP A 149 -3.40 -19.12 5.43
C ASP A 149 -3.68 -19.97 4.19
N VAL A 150 -3.86 -19.32 3.03
CA VAL A 150 -4.02 -20.09 1.80
C VAL A 150 -2.76 -20.87 1.48
N VAL A 151 -1.59 -20.34 1.84
CA VAL A 151 -0.34 -21.10 1.68
C VAL A 151 -0.25 -22.21 2.73
N LEU A 152 -0.56 -21.89 3.98
CA LEU A 152 -0.28 -22.80 5.08
C LEU A 152 -1.33 -23.90 5.23
N GLU A 153 -2.60 -23.64 4.93
CA GLU A 153 -3.66 -24.62 5.17
C GLU A 153 -4.50 -24.81 3.92
N GLU A 154 -4.71 -26.07 3.55
CA GLU A 154 -5.57 -26.33 2.39
C GLU A 154 -7.03 -25.97 2.72
N GLY A 155 -7.70 -25.33 1.76
CA GLY A 155 -9.12 -25.12 1.84
C GLY A 155 -9.59 -23.96 2.68
N VAL A 156 -8.68 -23.19 3.28
CA VAL A 156 -9.08 -22.07 4.12
C VAL A 156 -9.37 -20.85 3.24
N ILE A 157 -10.45 -20.15 3.53
CA ILE A 157 -10.78 -18.93 2.81
C ILE A 157 -10.54 -17.75 3.76
N PRO A 158 -9.58 -16.88 3.47
CA PRO A 158 -9.25 -15.78 4.39
C PRO A 158 -10.46 -14.95 4.85
N PHE A 159 -11.35 -14.55 3.92
CA PHE A 159 -12.50 -13.76 4.33
C PHE A 159 -13.35 -14.51 5.35
N ASP A 160 -13.68 -15.78 5.04
CA ASP A 160 -14.48 -16.59 5.95
C ASP A 160 -13.81 -16.71 7.32
N ARG A 161 -12.48 -16.88 7.36
CA ARG A 161 -11.81 -17.00 8.65
C ARG A 161 -11.84 -15.69 9.42
N THR A 162 -11.72 -14.58 8.71
CA THR A 162 -11.71 -13.26 9.34
C THR A 162 -13.07 -12.89 9.91
N HIS A 163 -14.14 -13.14 9.15
CA HIS A 163 -15.47 -12.66 9.47
C HIS A 163 -16.44 -13.74 9.92
N GLY A 164 -16.06 -15.01 9.89
CA GLY A 164 -16.98 -16.05 10.31
C GLY A 164 -18.14 -16.31 9.37
N MET A 165 -18.12 -15.75 8.17
CA MET A 165 -19.12 -16.05 7.15
C MET A 165 -18.49 -15.72 5.81
N ASP A 166 -19.18 -16.10 4.73
CA ASP A 166 -18.60 -15.83 3.42
C ASP A 166 -18.94 -14.42 2.93
N PHE A 167 -18.25 -14.02 1.86
CA PHE A 167 -18.33 -12.62 1.41
C PHE A 167 -19.77 -12.20 1.10
N PHE A 168 -20.55 -13.06 0.45
CA PHE A 168 -21.91 -12.68 0.08
C PHE A 168 -22.86 -12.64 1.27
N ALA A 169 -22.67 -13.54 2.25
CA ALA A 169 -23.43 -13.44 3.49
C ALA A 169 -23.09 -12.14 4.21
N TYR A 170 -21.82 -11.76 4.20
CA TYR A 170 -21.41 -10.53 4.87
C TYR A 170 -22.02 -9.31 4.20
N ALA A 171 -22.00 -9.30 2.85
CA ALA A 171 -22.52 -8.18 2.09
C ALA A 171 -24.03 -8.02 2.26
N GLY A 172 -24.74 -9.15 2.43
CA GLY A 172 -26.17 -9.09 2.70
C GLY A 172 -26.52 -8.52 4.05
N LYS A 173 -25.60 -8.60 5.01
CA LYS A 173 -25.81 -7.94 6.29
C LYS A 173 -25.45 -6.46 6.20
N GLU A 174 -24.26 -6.15 5.68
CA GLU A 174 -23.76 -4.79 5.59
C GLU A 174 -24.06 -4.26 4.18
N GLN A 175 -25.24 -3.65 4.03
CA GLN A 175 -25.66 -3.13 2.72
C GLN A 175 -24.64 -2.17 2.14
N SER A 176 -23.86 -1.50 2.98
CA SER A 176 -22.79 -0.63 2.50
C SER A 176 -21.77 -1.43 1.68
N VAL A 177 -21.45 -2.64 2.12
CA VAL A 177 -20.54 -3.45 1.32
C VAL A 177 -21.23 -3.94 0.06
N ASN A 178 -22.54 -4.17 0.13
CA ASN A 178 -23.24 -4.70 -1.03
C ASN A 178 -23.35 -3.65 -2.13
N LYS A 179 -23.73 -2.42 -1.77
CA LYS A 179 -23.74 -1.33 -2.74
C LYS A 179 -22.35 -1.12 -3.33
N SER A 180 -21.32 -1.15 -2.47
CA SER A 180 -19.95 -0.91 -2.93
C SER A 180 -19.51 -1.99 -3.93
N PHE A 181 -19.80 -3.26 -3.64
CA PHE A 181 -19.44 -4.33 -4.56
C PHE A 181 -20.21 -4.23 -5.87
N ASN A 182 -21.53 -4.02 -5.78
CA ASN A 182 -22.32 -3.97 -7.01
C ASN A 182 -21.85 -2.85 -7.93
N GLN A 183 -21.55 -1.69 -7.33
CA GLN A 183 -21.13 -0.56 -8.15
C GLN A 183 -19.78 -0.80 -8.77
N ALA A 184 -18.92 -1.54 -8.08
CA ALA A 184 -17.59 -1.86 -8.60
C ALA A 184 -17.69 -2.78 -9.82
N MET A 185 -18.50 -3.85 -9.71
CA MET A 185 -18.64 -4.78 -10.83
C MET A 185 -19.28 -4.08 -12.01
N GLY A 186 -20.26 -3.23 -11.74
CA GLY A 186 -20.91 -2.50 -12.81
C GLY A 186 -19.97 -1.56 -13.53
N ALA A 187 -19.14 -0.83 -12.77
CA ALA A 187 -18.21 0.10 -13.39
C ALA A 187 -17.15 -0.66 -14.20
N GLY A 188 -16.59 -1.72 -13.62
CA GLY A 188 -15.57 -2.46 -14.32
C GLY A 188 -16.10 -3.04 -15.62
N SER A 189 -17.32 -3.56 -15.58
CA SER A 189 -17.91 -4.17 -16.76
C SER A 189 -18.15 -3.15 -17.87
N THR A 190 -18.69 -1.99 -17.50
CA THR A 190 -18.89 -0.92 -18.48
C THR A 190 -17.56 -0.50 -19.08
N ILE A 191 -16.54 -0.32 -18.23
CA ILE A 191 -15.25 0.12 -18.73
C ILE A 191 -14.67 -0.92 -19.69
N ALA A 192 -14.75 -2.20 -19.30
CA ALA A 192 -14.14 -3.24 -20.14
C ALA A 192 -14.90 -3.38 -21.45
N PHE A 193 -16.23 -3.35 -21.40
CA PHE A 193 -16.99 -3.54 -22.63
C PHE A 193 -16.89 -2.35 -23.55
N ASP A 194 -16.71 -1.14 -23.01
CA ASP A 194 -16.46 0.00 -23.89
C ASP A 194 -15.28 -0.28 -24.81
N GLU A 195 -14.21 -0.87 -24.26
CA GLU A 195 -13.05 -1.23 -25.08
C GLU A 195 -13.34 -2.43 -25.98
N VAL A 196 -14.05 -3.45 -25.46
CA VAL A 196 -14.39 -4.60 -26.30
C VAL A 196 -15.11 -4.16 -27.56
N PHE A 197 -16.09 -3.26 -27.42
CA PHE A 197 -16.90 -2.86 -28.56
C PHE A 197 -16.10 -2.09 -29.61
N LYS A 198 -14.96 -1.53 -29.22
CA LYS A 198 -14.10 -0.85 -30.19
C LYS A 198 -13.23 -1.80 -31.00
N VAL A 199 -12.89 -2.98 -30.46
CA VAL A 199 -11.86 -3.84 -31.03
C VAL A 199 -12.45 -5.16 -31.54
N TYR A 200 -13.39 -5.75 -30.80
CA TYR A 200 -13.82 -7.11 -31.08
C TYR A 200 -14.92 -7.08 -32.12
N LYS A 201 -14.83 -7.96 -33.12
CA LYS A 201 -15.79 -7.96 -34.22
C LYS A 201 -16.71 -9.19 -34.21
N GLY A 202 -16.61 -10.04 -33.20
CA GLY A 202 -17.27 -11.32 -33.27
C GLY A 202 -18.77 -11.32 -32.99
N PHE A 203 -19.35 -10.20 -32.56
CA PHE A 203 -20.80 -10.14 -32.41
C PHE A 203 -21.51 -9.92 -33.73
N HIS A 204 -20.78 -9.61 -34.80
CA HIS A 204 -21.35 -8.98 -35.98
C HIS A 204 -22.45 -9.81 -36.62
N ASP A 205 -22.25 -11.12 -36.72
CA ASP A 205 -23.23 -11.94 -37.45
C ASP A 205 -24.00 -12.90 -36.56
N LEU A 206 -23.92 -12.75 -35.24
CA LEU A 206 -24.68 -13.61 -34.34
C LEU A 206 -26.17 -13.26 -34.34
N LYS A 207 -27.00 -14.28 -34.11
CA LYS A 207 -28.45 -14.11 -34.00
C LYS A 207 -28.97 -14.49 -32.62
N GLU A 208 -28.18 -15.19 -31.81
CA GLU A 208 -28.64 -15.54 -30.48
C GLU A 208 -27.44 -15.66 -29.55
N LEU A 209 -27.60 -15.21 -28.31
CA LEU A 209 -26.49 -15.25 -27.35
C LEU A 209 -27.07 -15.48 -25.97
N VAL A 210 -26.59 -16.53 -25.31
CA VAL A 210 -27.03 -16.89 -23.97
C VAL A 210 -25.91 -16.49 -23.01
N ASN A 211 -26.21 -15.54 -22.11
CA ASN A 211 -25.25 -15.08 -21.13
C ASN A 211 -25.35 -15.99 -19.90
N VAL A 212 -24.27 -16.70 -19.59
CA VAL A 212 -24.27 -17.73 -18.56
C VAL A 212 -23.49 -17.18 -17.38
N GLY A 213 -24.09 -17.22 -16.20
CA GLY A 213 -23.45 -16.41 -15.19
C GLY A 213 -23.81 -14.98 -15.51
N GLY A 214 -22.96 -14.06 -15.09
CA GLY A 214 -23.34 -12.66 -15.17
C GLY A 214 -24.52 -12.40 -14.26
N GLY A 215 -24.98 -11.16 -14.17
CA GLY A 215 -25.98 -10.92 -13.16
C GLY A 215 -27.31 -10.48 -13.70
N ILE A 216 -27.55 -9.17 -13.54
CA ILE A 216 -28.82 -8.52 -13.82
C ILE A 216 -29.17 -8.52 -15.31
N GLY A 217 -28.19 -8.72 -16.18
CA GLY A 217 -28.40 -8.63 -17.62
C GLY A 217 -27.96 -7.33 -18.28
N THR A 218 -27.21 -6.48 -17.58
CA THR A 218 -26.78 -5.20 -18.14
C THR A 218 -25.83 -5.38 -19.31
N SER A 219 -24.81 -6.22 -19.14
CA SER A 219 -23.83 -6.43 -20.19
C SER A 219 -24.48 -6.99 -21.44
N LEU A 220 -25.42 -7.91 -21.27
CA LEU A 220 -26.10 -8.49 -22.43
C LEU A 220 -27.00 -7.46 -23.11
N SER A 221 -27.73 -6.66 -22.33
CA SER A 221 -28.55 -5.61 -22.92
C SER A 221 -27.69 -4.61 -23.71
N ASN A 222 -26.47 -4.33 -23.25
CA ASN A 222 -25.60 -3.39 -23.95
C ASN A 222 -25.07 -3.99 -25.24
N ILE A 223 -24.85 -5.30 -25.26
CA ILE A 223 -24.50 -5.97 -26.49
C ILE A 223 -25.65 -5.90 -27.49
N ILE A 224 -26.87 -6.18 -27.02
CA ILE A 224 -27.99 -6.19 -27.95
C ILE A 224 -28.27 -4.77 -28.45
N PHE A 225 -27.99 -3.74 -27.63
CA PHE A 225 -28.15 -2.38 -28.12
C PHE A 225 -27.25 -2.14 -29.34
N LYS A 226 -26.03 -2.66 -29.30
CA LYS A 226 -25.09 -2.44 -30.40
C LYS A 226 -25.23 -3.44 -31.54
N TYR A 227 -25.89 -4.56 -31.27
CA TYR A 227 -26.06 -5.67 -32.22
C TYR A 227 -27.52 -6.07 -32.13
N PRO A 228 -28.41 -5.29 -32.75
CA PRO A 228 -29.85 -5.49 -32.52
C PRO A 228 -30.41 -6.76 -33.12
N HIS A 229 -29.65 -7.53 -33.90
CA HIS A 229 -30.14 -8.82 -34.40
C HIS A 229 -29.91 -9.95 -33.42
N ILE A 230 -29.26 -9.70 -32.30
CA ILE A 230 -29.01 -10.75 -31.34
C ILE A 230 -30.20 -10.87 -30.41
N LYS A 231 -30.77 -12.09 -30.32
CA LYS A 231 -31.77 -12.42 -29.32
C LYS A 231 -31.06 -12.94 -28.09
N GLY A 232 -31.28 -12.27 -26.95
CA GLY A 232 -30.55 -12.58 -25.74
C GLY A 232 -31.35 -13.40 -24.74
N ILE A 233 -30.64 -14.31 -24.06
CA ILE A 233 -31.14 -15.05 -22.91
C ILE A 233 -30.16 -14.80 -21.78
N ASN A 234 -30.69 -14.36 -20.63
CA ASN A 234 -29.87 -14.21 -19.42
C ASN A 234 -30.15 -15.41 -18.52
N PHE A 235 -29.11 -16.22 -18.27
CA PHE A 235 -29.24 -17.47 -17.54
C PHE A 235 -28.53 -17.30 -16.22
N GLU A 236 -29.27 -17.36 -15.10
CA GLU A 236 -28.66 -16.99 -13.84
C GLU A 236 -29.29 -17.81 -12.73
N LEU A 237 -28.59 -17.86 -11.59
CA LEU A 237 -29.10 -18.55 -10.44
C LEU A 237 -30.33 -17.81 -9.93
N PRO A 238 -31.30 -18.53 -9.35
CA PRO A 238 -32.40 -17.85 -8.67
C PRO A 238 -31.85 -16.86 -7.64
N HIS A 239 -32.51 -15.72 -7.52
CA HIS A 239 -31.98 -14.64 -6.68
C HIS A 239 -32.19 -14.92 -5.18
N PRO A 245 -35.54 -7.19 -13.42
CA PRO A 245 -35.28 -5.98 -14.21
C PRO A 245 -35.24 -6.27 -15.70
N ASN A 246 -36.35 -6.71 -16.30
CA ASN A 246 -36.26 -7.31 -17.63
C ASN A 246 -36.04 -6.24 -18.69
N TYR A 247 -34.95 -6.39 -19.41
CA TYR A 247 -34.51 -5.61 -20.55
C TYR A 247 -35.14 -6.18 -21.82
N PRO A 248 -35.61 -5.32 -22.72
CA PRO A 248 -36.23 -5.81 -23.96
C PRO A 248 -35.29 -6.72 -24.73
N GLY A 249 -35.87 -7.73 -25.37
CA GLY A 249 -35.07 -8.67 -26.13
C GLY A 249 -34.14 -9.51 -25.30
N VAL A 250 -34.31 -9.53 -23.97
CA VAL A 250 -33.54 -10.36 -23.07
C VAL A 250 -34.54 -11.18 -22.26
N GLU A 251 -34.58 -12.48 -22.54
CA GLU A 251 -35.39 -13.43 -21.79
C GLU A 251 -34.57 -13.94 -20.61
N HIS A 252 -35.21 -14.01 -19.44
CA HIS A 252 -34.53 -14.42 -18.20
C HIS A 252 -34.90 -15.86 -17.87
N ILE A 253 -33.87 -16.69 -17.63
CA ILE A 253 -34.04 -18.09 -17.29
C ILE A 253 -33.19 -18.39 -16.07
N ALA A 254 -33.82 -18.96 -15.03
CA ALA A 254 -33.14 -19.29 -13.78
C ALA A 254 -32.65 -20.73 -13.80
N GLY A 255 -31.42 -20.95 -13.34
CA GLY A 255 -30.88 -22.29 -13.33
C GLY A 255 -29.44 -22.28 -12.81
N ASN A 256 -28.88 -23.48 -12.72
CA ASN A 256 -27.53 -23.71 -12.18
C ASN A 256 -26.66 -24.26 -13.31
N MET A 257 -25.67 -23.45 -13.73
CA MET A 257 -24.80 -23.83 -14.84
C MET A 257 -24.01 -25.12 -14.57
N PHE A 258 -23.85 -25.55 -13.32
CA PHE A 258 -23.16 -26.82 -13.11
C PHE A 258 -24.05 -28.01 -13.37
N GLU A 259 -25.35 -27.78 -13.46
CA GLU A 259 -26.29 -28.84 -13.77
C GLU A 259 -26.57 -28.88 -15.25
N GLY A 260 -26.49 -27.74 -15.93
CA GLY A 260 -26.83 -27.66 -17.33
C GLY A 260 -26.99 -26.23 -17.78
N VAL A 261 -26.91 -26.01 -19.08
CA VAL A 261 -27.07 -24.69 -19.66
C VAL A 261 -28.17 -24.81 -20.70
N PRO A 262 -29.07 -23.85 -20.84
CA PRO A 262 -30.12 -23.97 -21.85
C PRO A 262 -29.54 -24.00 -23.25
N ASN A 263 -30.26 -24.65 -24.16
CA ASN A 263 -29.80 -24.73 -25.54
C ASN A 263 -29.52 -23.35 -26.09
N ALA A 264 -28.40 -23.21 -26.78
CA ALA A 264 -27.83 -21.90 -27.06
C ALA A 264 -27.14 -21.92 -28.40
N GLN A 265 -27.39 -20.95 -29.27
CA GLN A 265 -26.55 -20.86 -30.46
C GLN A 265 -25.12 -20.46 -30.12
N ASN A 266 -24.96 -19.52 -29.17
CA ASN A 266 -23.68 -19.00 -28.72
C ASN A 266 -23.82 -18.67 -27.25
N ILE A 267 -22.72 -18.73 -26.51
CA ILE A 267 -22.73 -18.49 -25.07
C ILE A 267 -21.72 -17.40 -24.75
N LEU A 268 -22.09 -16.52 -23.81
CA LEU A 268 -21.20 -15.48 -23.30
C LEU A 268 -20.81 -15.81 -21.86
N LEU A 269 -19.50 -15.81 -21.57
CA LEU A 269 -18.98 -16.04 -20.20
C LEU A 269 -18.11 -14.85 -19.85
N LYS A 270 -18.70 -13.90 -19.15
CA LYS A 270 -18.03 -12.64 -18.81
C LYS A 270 -17.57 -12.72 -17.36
N TRP A 271 -16.27 -12.89 -17.16
CA TRP A 271 -15.68 -12.92 -15.80
C TRP A 271 -16.33 -14.00 -14.94
N VAL A 272 -16.64 -15.12 -15.56
CA VAL A 272 -17.15 -16.30 -14.86
C VAL A 272 -16.01 -17.28 -14.54
N LEU A 273 -15.25 -17.67 -15.54
CA LEU A 273 -14.24 -18.72 -15.33
C LEU A 273 -13.21 -18.34 -14.26
N HIS A 274 -12.87 -17.05 -14.14
CA HIS A 274 -11.88 -16.72 -13.10
C HIS A 274 -12.41 -16.87 -11.67
N ASP A 275 -13.72 -17.08 -11.47
CA ASP A 275 -14.27 -17.41 -10.13
C ASP A 275 -14.06 -18.86 -9.71
N TRP A 276 -13.54 -19.73 -10.58
CA TRP A 276 -13.58 -21.17 -10.33
C TRP A 276 -12.24 -21.83 -10.60
N ASP A 277 -11.97 -22.91 -9.86
CA ASP A 277 -10.76 -23.69 -10.11
C ASP A 277 -10.85 -24.44 -11.43
N ASP A 278 -9.77 -25.12 -11.81
CA ASP A 278 -9.74 -25.74 -13.13
C ASP A 278 -10.85 -26.78 -13.29
N GLU A 279 -11.03 -27.65 -12.29
CA GLU A 279 -12.04 -28.72 -12.43
C GLU A 279 -13.44 -28.14 -12.60
N ARG A 280 -13.77 -27.07 -11.87
CA ARG A 280 -15.10 -26.48 -12.00
C ARG A 280 -15.23 -25.66 -13.28
N SER A 281 -14.17 -24.95 -13.69
CA SER A 281 -14.23 -24.25 -14.98
C SER A 281 -14.43 -25.22 -16.13
N ILE A 282 -13.77 -26.38 -16.05
CA ILE A 282 -13.94 -27.37 -17.11
C ILE A 282 -15.37 -27.88 -17.13
N LYS A 283 -15.98 -28.06 -15.97
CA LYS A 283 -17.35 -28.54 -15.97
C LYS A 283 -18.32 -27.50 -16.51
N ILE A 284 -18.10 -26.21 -16.21
CA ILE A 284 -18.92 -25.17 -16.84
C ILE A 284 -18.83 -25.25 -18.36
N LEU A 285 -17.60 -25.34 -18.89
CA LEU A 285 -17.41 -25.38 -20.34
C LEU A 285 -17.94 -26.65 -20.96
N GLN A 286 -17.92 -27.77 -20.23
CA GLN A 286 -18.53 -28.99 -20.75
C GLN A 286 -20.04 -28.84 -20.84
N ASN A 287 -20.65 -28.19 -19.85
CA ASN A 287 -22.09 -27.93 -19.96
C ASN A 287 -22.39 -26.95 -21.09
N CYS A 288 -21.48 -26.02 -21.35
CA CYS A 288 -21.63 -25.14 -22.52
C CYS A 288 -21.54 -25.92 -23.82
N TRP A 289 -20.53 -26.79 -23.93
CA TRP A 289 -20.34 -27.58 -25.15
C TRP A 289 -21.59 -28.36 -25.48
N LYS A 290 -22.19 -29.01 -24.49
CA LYS A 290 -23.32 -29.86 -24.88
C LYS A 290 -24.57 -29.05 -25.20
N ALA A 291 -24.62 -27.77 -24.78
CA ALA A 291 -25.74 -26.86 -25.08
C ALA A 291 -25.65 -26.25 -26.45
N LEU A 292 -24.47 -26.25 -27.05
CA LEU A 292 -24.24 -25.59 -28.33
C LEU A 292 -24.51 -26.54 -29.49
N PRO A 293 -24.92 -25.99 -30.62
CA PRO A 293 -24.96 -26.77 -31.87
C PRO A 293 -23.58 -26.84 -32.48
N GLU A 294 -23.41 -27.72 -33.48
CA GLU A 294 -22.20 -27.68 -34.29
C GLU A 294 -21.98 -26.27 -34.80
N GLY A 295 -20.75 -25.79 -34.70
CA GLY A 295 -20.48 -24.43 -35.14
C GLY A 295 -20.81 -23.35 -34.14
N GLY A 296 -21.34 -23.71 -32.96
CA GLY A 296 -21.57 -22.69 -31.93
C GLY A 296 -20.29 -22.29 -31.23
N THR A 297 -20.34 -21.15 -30.56
CA THR A 297 -19.16 -20.53 -29.98
C THR A 297 -19.43 -20.14 -28.54
N VAL A 298 -18.44 -20.36 -27.66
CA VAL A 298 -18.38 -19.71 -26.36
C VAL A 298 -17.49 -18.48 -26.48
N ILE A 299 -18.02 -17.33 -26.08
CA ILE A 299 -17.27 -16.08 -26.06
C ILE A 299 -16.90 -15.78 -24.62
N VAL A 300 -15.61 -15.74 -24.34
CA VAL A 300 -15.10 -15.56 -22.98
C VAL A 300 -14.44 -14.20 -22.86
N VAL A 301 -14.80 -13.44 -21.82
CA VAL A 301 -14.23 -12.12 -21.59
C VAL A 301 -13.52 -12.19 -20.26
N GLU A 302 -12.20 -11.96 -20.28
CA GLU A 302 -11.39 -12.12 -19.08
C GLU A 302 -10.15 -11.27 -19.22
N PHE A 303 -9.56 -10.90 -18.08
CA PHE A 303 -8.17 -10.48 -18.10
C PHE A 303 -7.30 -11.73 -18.15
N VAL A 304 -6.18 -11.64 -18.86
CA VAL A 304 -5.29 -12.76 -19.06
C VAL A 304 -3.94 -12.43 -18.41
N LEU A 305 -3.40 -13.38 -17.64
CA LEU A 305 -2.04 -13.22 -17.12
C LEU A 305 -1.04 -13.20 -18.27
N PRO A 306 -0.19 -12.18 -18.36
CA PRO A 306 0.85 -12.19 -19.39
C PRO A 306 1.85 -13.31 -19.13
N GLN A 307 2.45 -13.81 -20.21
CA GLN A 307 3.43 -14.87 -20.05
C GLN A 307 4.68 -14.37 -19.35
N ILE A 308 5.07 -13.12 -19.59
CA ILE A 308 6.17 -12.48 -18.87
C ILE A 308 5.58 -11.34 -18.06
N LEU A 309 5.72 -11.40 -16.74
CA LEU A 309 5.21 -10.33 -15.90
C LEU A 309 6.21 -9.19 -15.80
N GLY A 310 5.71 -8.00 -15.52
CA GLY A 310 6.57 -6.88 -15.24
C GLY A 310 5.76 -5.77 -14.61
N ASN A 311 6.40 -4.60 -14.48
CA ASN A 311 5.73 -3.45 -13.88
C ASN A 311 4.97 -2.69 -14.97
N ASN A 312 3.77 -3.18 -15.27
CA ASN A 312 2.99 -2.60 -16.35
C ASN A 312 1.52 -2.92 -16.13
N ALA A 313 0.66 -2.18 -16.83
CA ALA A 313 -0.79 -2.32 -16.63
C ALA A 313 -1.28 -3.73 -16.96
N GLU A 314 -0.80 -4.32 -18.05
CA GLU A 314 -1.20 -5.67 -18.43
C GLU A 314 -1.00 -6.66 -17.29
N SER A 315 0.12 -6.54 -16.59
CA SER A 315 0.41 -7.48 -15.52
C SER A 315 -0.49 -7.22 -14.30
N PHE A 316 -0.58 -5.96 -13.86
CA PHE A 316 -1.36 -5.67 -12.66
C PHE A 316 -2.85 -5.83 -12.89
N ASN A 317 -3.35 -5.66 -14.12
CA ASN A 317 -4.77 -5.93 -14.34
C ASN A 317 -5.13 -7.40 -14.17
N ALA A 318 -4.15 -8.30 -14.19
CA ALA A 318 -4.40 -9.71 -13.86
C ALA A 318 -3.99 -10.07 -12.44
N LEU A 319 -2.89 -9.50 -11.97
CA LEU A 319 -2.41 -9.83 -10.63
C LEU A 319 -3.33 -9.30 -9.55
N THR A 320 -3.92 -8.12 -9.79
CA THR A 320 -4.74 -7.52 -8.74
C THR A 320 -6.02 -8.33 -8.52
N PRO A 321 -6.84 -8.64 -9.54
CA PRO A 321 -7.98 -9.53 -9.25
C PRO A 321 -7.54 -10.88 -8.76
N ASP A 322 -6.36 -11.37 -9.17
CA ASP A 322 -5.91 -12.65 -8.68
C ASP A 322 -5.74 -12.65 -7.17
N LEU A 323 -5.14 -11.58 -6.62
CA LEU A 323 -4.95 -11.52 -5.18
C LEU A 323 -6.24 -11.22 -4.44
N LEU A 324 -7.14 -10.43 -5.03
CA LEU A 324 -8.44 -10.25 -4.39
C LEU A 324 -9.20 -11.57 -4.33
N MET A 325 -9.11 -12.36 -5.41
CA MET A 325 -9.68 -13.71 -5.40
C MET A 325 -9.04 -14.57 -4.33
N MET A 326 -7.73 -14.47 -4.16
CA MET A 326 -7.06 -15.28 -3.14
C MET A 326 -7.65 -15.03 -1.77
N THR A 327 -8.13 -13.82 -1.50
CA THR A 327 -8.64 -13.50 -0.18
C THR A 327 -10.14 -13.75 -0.04
N LEU A 328 -10.91 -13.55 -1.12
CA LEU A 328 -12.36 -13.72 -1.09
C LEU A 328 -12.80 -15.09 -1.54
N ASN A 329 -12.03 -15.76 -2.38
CA ASN A 329 -12.50 -16.91 -3.12
C ASN A 329 -11.29 -17.64 -3.71
N PRO A 330 -10.44 -18.26 -2.89
CA PRO A 330 -9.12 -18.67 -3.38
C PRO A 330 -9.14 -19.78 -4.41
N GLY A 331 -10.27 -20.48 -4.57
CA GLY A 331 -10.40 -21.43 -5.67
C GLY A 331 -10.37 -20.76 -7.03
N GLY A 332 -10.89 -19.54 -7.13
CA GLY A 332 -10.76 -18.80 -8.37
C GLY A 332 -9.36 -18.28 -8.59
N LYS A 333 -9.02 -18.03 -9.85
CA LYS A 333 -7.67 -17.63 -10.20
C LYS A 333 -7.65 -17.04 -11.61
N GLU A 334 -6.65 -16.21 -11.86
CA GLU A 334 -6.41 -15.72 -13.21
C GLU A 334 -5.50 -16.68 -13.96
N ARG A 335 -5.60 -16.66 -15.30
CA ARG A 335 -4.96 -17.65 -16.14
C ARG A 335 -4.26 -17.00 -17.32
N THR A 336 -3.28 -17.72 -17.86
CA THR A 336 -2.60 -17.34 -19.11
C THR A 336 -3.40 -17.83 -20.32
N THR A 337 -3.02 -17.37 -21.52
CA THR A 337 -3.72 -17.86 -22.71
C THR A 337 -3.56 -19.37 -22.88
N THR A 338 -2.35 -19.88 -22.65
CA THR A 338 -2.09 -21.32 -22.70
C THR A 338 -3.03 -22.08 -21.77
N GLU A 339 -3.21 -21.58 -20.55
CA GLU A 339 -4.13 -22.23 -19.61
C GLU A 339 -5.58 -22.16 -20.09
N PHE A 340 -6.01 -21.03 -20.68
CA PHE A 340 -7.38 -20.96 -21.18
C PHE A 340 -7.58 -21.98 -22.29
N ASP A 341 -6.59 -22.13 -23.15
CA ASP A 341 -6.70 -23.12 -24.20
C ASP A 341 -6.76 -24.53 -23.62
N GLY A 342 -6.05 -24.76 -22.52
CA GLY A 342 -6.13 -26.04 -21.84
C GLY A 342 -7.54 -26.33 -21.33
N LEU A 343 -8.19 -25.33 -20.73
CA LEU A 343 -9.59 -25.51 -20.33
C LEU A 343 -10.48 -25.88 -21.51
N ALA A 344 -10.35 -25.14 -22.60
CA ALA A 344 -11.18 -25.40 -23.78
C ALA A 344 -11.01 -26.83 -24.27
N LYS A 345 -9.75 -27.32 -24.37
CA LYS A 345 -9.50 -28.68 -24.85
C LYS A 345 -10.04 -29.72 -23.89
N ALA A 346 -10.02 -29.44 -22.58
CA ALA A 346 -10.56 -30.38 -21.59
C ALA A 346 -12.09 -30.48 -21.67
N ALA A 347 -12.74 -29.50 -22.32
CA ALA A 347 -14.17 -29.51 -22.53
C ALA A 347 -14.53 -29.90 -23.95
N GLY A 348 -13.56 -30.33 -24.76
CA GLY A 348 -13.83 -30.84 -26.10
C GLY A 348 -13.84 -29.83 -27.22
N PHE A 349 -13.49 -28.58 -26.96
CA PHE A 349 -13.42 -27.58 -28.03
C PHE A 349 -12.12 -27.76 -28.80
N ALA A 350 -12.21 -27.84 -30.12
CA ALA A 350 -11.00 -28.09 -30.89
C ALA A 350 -10.38 -26.85 -31.51
N GLU A 351 -11.13 -25.74 -31.63
CA GLU A 351 -10.62 -24.50 -32.19
C GLU A 351 -10.79 -23.38 -31.19
N THR A 352 -9.72 -22.66 -30.91
CA THR A 352 -9.76 -21.50 -30.02
C THR A 352 -9.15 -20.30 -30.72
N LYS A 353 -9.73 -19.13 -30.49
CA LYS A 353 -9.23 -17.89 -31.08
C LYS A 353 -9.09 -16.89 -29.96
N PHE A 354 -8.01 -16.12 -29.97
CA PHE A 354 -7.75 -15.12 -28.94
C PHE A 354 -7.73 -13.74 -29.57
N PHE A 355 -8.36 -12.78 -28.90
CA PHE A 355 -8.46 -11.41 -29.39
C PHE A 355 -8.01 -10.47 -28.29
N PRO A 356 -6.76 -10.04 -28.30
CA PRO A 356 -6.32 -8.99 -27.36
C PRO A 356 -7.16 -7.75 -27.57
N ILE A 357 -7.68 -7.20 -26.48
CA ILE A 357 -8.44 -5.96 -26.53
C ILE A 357 -7.54 -4.80 -26.10
N SER A 358 -7.18 -4.75 -24.83
CA SER A 358 -6.32 -3.68 -24.33
C SER A 358 -5.88 -4.01 -22.91
N GLN A 359 -4.62 -3.73 -22.57
CA GLN A 359 -4.15 -3.75 -21.17
C GLN A 359 -4.40 -5.09 -20.50
N GLY A 360 -4.28 -6.19 -21.24
CA GLY A 360 -4.49 -7.53 -20.71
C GLY A 360 -5.90 -8.06 -20.86
N LEU A 361 -6.88 -7.20 -21.15
CA LEU A 361 -8.23 -7.68 -21.41
C LEU A 361 -8.26 -8.41 -22.75
N HIS A 362 -8.88 -9.57 -22.76
CA HIS A 362 -9.01 -10.39 -23.96
C HIS A 362 -10.45 -10.81 -24.14
N VAL A 363 -10.81 -11.07 -25.39
CA VAL A 363 -11.97 -11.88 -25.73
C VAL A 363 -11.43 -13.16 -26.36
N MET A 364 -11.97 -14.30 -25.94
CA MET A 364 -11.55 -15.58 -26.48
C MET A 364 -12.78 -16.28 -27.03
N GLU A 365 -12.62 -16.96 -28.15
CA GLU A 365 -13.69 -17.77 -28.71
C GLU A 365 -13.31 -19.23 -28.64
N PHE A 366 -14.17 -20.05 -28.03
CA PHE A 366 -14.04 -21.51 -28.10
C PHE A 366 -15.09 -22.03 -29.07
N HIS A 367 -14.65 -22.63 -30.17
CA HIS A 367 -15.56 -23.05 -31.24
C HIS A 367 -15.86 -24.54 -31.18
N LYS A 368 -17.15 -24.88 -31.22
CA LYS A 368 -17.55 -26.30 -31.30
C LYS A 368 -17.47 -26.75 -32.76
N ALA A 369 -16.89 -27.94 -32.98
CA ALA A 369 -16.60 -28.43 -34.33
C ALA A 369 -17.80 -28.37 -35.29
N GLY B 26 -8.02 11.22 -24.32
CA GLY B 26 -8.81 10.04 -24.02
C GLY B 26 -8.39 9.35 -22.74
N VAL B 27 -9.22 9.48 -21.71
CA VAL B 27 -8.91 8.89 -20.40
C VAL B 27 -8.90 7.38 -20.51
N ASN B 28 -7.83 6.76 -20.04
CA ASN B 28 -7.67 5.32 -20.07
C ASN B 28 -8.21 4.76 -18.76
N TYR B 29 -9.53 4.56 -18.72
CA TYR B 29 -10.13 4.00 -17.50
C TYR B 29 -9.75 2.54 -17.33
N LEU B 30 -9.55 1.81 -18.44
CA LEU B 30 -9.18 0.40 -18.33
C LEU B 30 -7.86 0.22 -17.59
N SER B 31 -6.84 1.01 -17.94
CA SER B 31 -5.58 0.94 -17.21
C SER B 31 -5.75 1.38 -15.75
N GLY B 32 -6.60 2.39 -15.53
CA GLY B 32 -6.81 2.91 -14.18
C GLY B 32 -7.35 1.90 -13.19
N LEU B 33 -8.02 0.84 -13.68
CA LEU B 33 -8.45 -0.21 -12.76
C LEU B 33 -7.26 -0.82 -12.04
N GLY B 34 -6.09 -0.76 -12.63
CA GLY B 34 -4.88 -1.26 -12.01
C GLY B 34 -4.43 -0.50 -10.78
N LEU B 35 -5.05 0.66 -10.47
CA LEU B 35 -4.71 1.35 -9.22
C LEU B 35 -5.09 0.53 -8.00
N SER B 36 -5.95 -0.47 -8.18
CA SER B 36 -6.20 -1.39 -7.07
C SER B 36 -4.97 -2.15 -6.65
N ARG B 37 -3.89 -2.15 -7.45
CA ARG B 37 -2.65 -2.77 -7.01
C ARG B 37 -2.08 -2.11 -5.74
N LEU B 38 -2.49 -0.87 -5.44
CA LEU B 38 -1.87 -0.14 -4.34
C LEU B 38 -2.21 -0.76 -2.99
N ILE B 39 -3.41 -1.30 -2.82
CA ILE B 39 -3.72 -1.98 -1.56
C ILE B 39 -3.18 -3.42 -1.57
N CYS B 40 -3.10 -4.04 -2.75
CA CYS B 40 -2.66 -5.43 -2.81
C CYS B 40 -1.19 -5.56 -2.41
N LEU B 41 -0.36 -4.58 -2.81
CA LEU B 41 1.08 -4.74 -2.65
C LEU B 41 1.51 -4.78 -1.18
N PRO B 42 1.05 -3.89 -0.29
CA PRO B 42 1.47 -4.00 1.11
C PRO B 42 0.95 -5.27 1.77
N MET B 43 -0.20 -5.78 1.36
CA MET B 43 -0.70 -6.99 1.98
C MET B 43 0.05 -8.23 1.48
N ALA B 44 0.46 -8.25 0.21
CA ALA B 44 1.33 -9.33 -0.23
C ALA B 44 2.69 -9.29 0.46
N LEU B 45 3.24 -8.08 0.68
CA LEU B 45 4.51 -7.92 1.35
C LEU B 45 4.41 -8.39 2.79
N ARG B 46 3.33 -8.00 3.48
CA ARG B 46 3.14 -8.48 4.84
C ARG B 46 3.08 -10.01 4.91
N ALA B 47 2.33 -10.63 3.99
CA ALA B 47 2.21 -12.08 3.98
C ALA B 47 3.58 -12.72 3.80
N ALA B 48 4.35 -12.23 2.85
CA ALA B 48 5.67 -12.80 2.62
C ALA B 48 6.59 -12.60 3.82
N ILE B 49 6.53 -11.44 4.50
CA ILE B 49 7.33 -11.28 5.72
C ILE B 49 6.92 -12.33 6.76
N GLU B 50 5.61 -12.48 6.94
CA GLU B 50 5.12 -13.44 7.93
C GLU B 50 5.43 -14.89 7.56
N LEU B 51 5.53 -15.21 6.27
CA LEU B 51 5.93 -16.55 5.87
C LEU B 51 7.44 -16.76 5.94
N ASN B 52 8.17 -15.72 6.31
CA ASN B 52 9.62 -15.71 6.42
C ASN B 52 10.31 -15.86 5.06
N VAL B 53 9.68 -15.36 4.00
CA VAL B 53 10.20 -15.63 2.65
C VAL B 53 11.57 -15.01 2.44
N PHE B 54 11.77 -13.79 2.96
CA PHE B 54 13.02 -13.09 2.66
C PHE B 54 14.23 -13.72 3.35
N GLU B 55 14.07 -14.16 4.61
CA GLU B 55 15.16 -14.90 5.24
C GLU B 55 15.42 -16.24 4.56
N ILE B 56 14.38 -16.91 4.06
CA ILE B 56 14.59 -18.20 3.40
C ILE B 56 15.40 -17.99 2.12
N ILE B 57 15.10 -16.94 1.36
CA ILE B 57 15.89 -16.63 0.16
C ILE B 57 17.33 -16.28 0.56
N PHE B 58 17.48 -15.46 1.59
CA PHE B 58 18.82 -15.05 2.01
C PHE B 58 19.67 -16.24 2.40
N GLN B 59 19.09 -17.22 3.09
CA GLN B 59 19.89 -18.37 3.56
C GLN B 59 20.33 -19.28 2.40
N ALA B 60 19.77 -19.10 1.22
CA ALA B 60 20.23 -19.81 0.02
C ALA B 60 21.54 -19.25 -0.52
N GLY B 61 22.01 -18.11 0.00
CA GLY B 61 23.30 -17.60 -0.39
C GLY B 61 23.18 -16.37 -1.27
N PRO B 62 24.29 -15.65 -1.45
CA PRO B 62 24.26 -14.41 -2.23
C PRO B 62 23.83 -14.66 -3.67
N GLU B 63 22.97 -13.76 -4.17
CA GLU B 63 22.42 -13.80 -5.51
C GLU B 63 21.58 -15.04 -5.78
N ALA B 64 21.22 -15.79 -4.74
CA ALA B 64 20.32 -16.93 -4.92
C ALA B 64 18.99 -16.46 -5.50
N GLN B 65 18.42 -17.27 -6.38
CA GLN B 65 17.02 -17.12 -6.77
C GLN B 65 16.32 -18.47 -6.61
N LEU B 66 15.21 -18.48 -5.88
CA LEU B 66 14.53 -19.72 -5.51
C LEU B 66 13.16 -19.83 -6.16
N SER B 67 12.82 -21.05 -6.57
CA SER B 67 11.48 -21.35 -7.04
C SER B 67 10.50 -21.37 -5.87
N PRO B 68 9.20 -21.20 -6.15
CA PRO B 68 8.21 -21.32 -5.05
C PRO B 68 8.27 -22.67 -4.34
N ALA B 69 8.47 -23.77 -5.08
CA ALA B 69 8.66 -25.08 -4.46
C ALA B 69 9.86 -25.09 -3.50
N GLU B 70 10.96 -24.45 -3.87
CA GLU B 70 12.12 -24.44 -3.00
C GLU B 70 11.87 -23.61 -1.74
N ILE B 71 11.10 -22.54 -1.85
CA ILE B 71 10.79 -21.73 -0.66
C ILE B 71 9.83 -22.49 0.25
N VAL B 72 8.81 -23.11 -0.33
CA VAL B 72 7.81 -23.84 0.45
C VAL B 72 8.43 -25.01 1.19
N ALA B 73 9.49 -25.59 0.65
CA ALA B 73 10.18 -26.68 1.33
C ALA B 73 10.78 -26.24 2.67
N LYS B 74 10.94 -24.93 2.89
CA LYS B 74 11.45 -24.43 4.17
C LYS B 74 10.36 -23.88 5.07
N ILE B 75 9.11 -23.95 4.63
CA ILE B 75 7.95 -23.46 5.37
C ILE B 75 7.19 -24.67 5.87
N PRO B 76 6.92 -24.79 7.17
CA PRO B 76 6.14 -25.94 7.65
C PRO B 76 4.69 -25.89 7.16
N THR B 77 4.32 -26.78 6.26
CA THR B 77 2.94 -26.83 5.81
C THR B 77 2.58 -28.22 5.30
N LYS B 78 1.32 -28.57 5.54
CA LYS B 78 0.72 -29.83 5.11
C LYS B 78 0.22 -29.71 3.67
N ASN B 79 -0.03 -28.50 3.25
CA ASN B 79 -0.84 -28.18 2.09
C ASN B 79 -0.15 -28.56 0.79
N PRO B 80 -0.69 -29.52 0.03
CA PRO B 80 -0.04 -29.91 -1.24
C PRO B 80 -0.02 -28.80 -2.29
N ASN B 81 -0.91 -27.81 -2.20
CA ASN B 81 -0.88 -26.72 -3.18
CA ASN B 81 -1.02 -26.67 -3.11
C ASN B 81 -0.21 -25.46 -2.62
N ALA B 82 0.66 -25.63 -1.62
CA ALA B 82 1.31 -24.48 -0.99
C ALA B 82 2.18 -23.70 -1.97
N ALA B 83 2.92 -24.40 -2.85
CA ALA B 83 3.80 -23.69 -3.79
C ALA B 83 3.02 -22.85 -4.80
N ILE B 84 1.93 -23.40 -5.35
CA ILE B 84 1.09 -22.63 -6.28
C ILE B 84 0.53 -21.40 -5.59
N ALA B 85 -0.01 -21.58 -4.38
CA ALA B 85 -0.56 -20.47 -3.61
C ALA B 85 0.51 -19.42 -3.31
N LEU B 86 1.70 -19.86 -2.90
CA LEU B 86 2.78 -18.91 -2.62
C LEU B 86 3.15 -18.11 -3.86
N ASP B 87 3.19 -18.75 -5.02
CA ASP B 87 3.57 -18.01 -6.22
C ASP B 87 2.60 -16.86 -6.51
N ARG B 88 1.33 -17.00 -6.12
CA ARG B 88 0.39 -15.89 -6.31
C ARG B 88 0.84 -14.64 -5.57
N ILE B 89 1.44 -14.80 -4.38
CA ILE B 89 1.98 -13.66 -3.64
C ILE B 89 3.32 -13.21 -4.22
N LEU B 90 4.23 -14.15 -4.48
CA LEU B 90 5.56 -13.78 -4.95
C LEU B 90 5.51 -13.08 -6.31
N ARG B 91 4.61 -13.54 -7.20
CA ARG B 91 4.44 -12.92 -8.52
C ARG B 91 4.22 -11.43 -8.39
N MET B 92 3.36 -11.06 -7.45
CA MET B 92 3.04 -9.66 -7.23
C MET B 92 4.28 -8.88 -6.79
N LEU B 93 5.05 -9.45 -5.86
CA LEU B 93 6.24 -8.77 -5.38
C LEU B 93 7.33 -8.70 -6.44
N GLY B 94 7.43 -9.71 -7.30
CA GLY B 94 8.35 -9.63 -8.41
C GLY B 94 7.94 -8.57 -9.44
N ALA B 95 6.65 -8.50 -9.75
CA ALA B 95 6.19 -7.51 -10.73
C ALA B 95 6.37 -6.09 -10.17
N SER B 96 6.32 -5.93 -8.85
CA SER B 96 6.50 -4.62 -8.23
C SER B 96 7.95 -4.30 -7.89
N SER B 97 8.89 -5.18 -8.26
CA SER B 97 10.33 -4.98 -8.09
C SER B 97 10.80 -5.14 -6.66
N ILE B 98 9.97 -5.72 -5.79
CA ILE B 98 10.46 -6.00 -4.42
C ILE B 98 11.34 -7.24 -4.39
N LEU B 99 11.08 -8.20 -5.28
CA LEU B 99 11.90 -9.37 -5.49
C LEU B 99 12.42 -9.34 -6.92
N SER B 100 13.62 -9.88 -7.11
CA SER B 100 14.12 -10.06 -8.47
C SER B 100 13.50 -11.33 -9.06
N VAL B 101 13.41 -11.37 -10.38
CA VAL B 101 12.74 -12.47 -11.06
C VAL B 101 13.54 -12.92 -12.26
N THR B 102 13.66 -14.23 -12.41
CA THR B 102 14.11 -14.84 -13.65
C THR B 102 13.08 -15.90 -14.05
N THR B 103 12.68 -15.89 -15.32
CA THR B 103 11.70 -16.86 -15.78
C THR B 103 12.43 -18.07 -16.36
N MET B 104 12.31 -19.20 -15.68
CA MET B 104 12.71 -20.48 -16.23
C MET B 104 11.52 -21.06 -16.99
N LYS B 105 11.59 -22.32 -17.36
CA LYS B 105 10.45 -22.94 -18.02
C LYS B 105 9.94 -24.14 -17.24
N GLY B 107 8.70 -22.23 -14.54
CA GLY B 107 8.20 -21.09 -13.78
C GLY B 107 9.28 -20.09 -13.39
N ARG B 108 8.90 -19.10 -12.59
CA ARG B 108 9.81 -18.04 -12.14
C ARG B 108 10.62 -18.49 -10.93
N VAL B 109 11.77 -17.83 -10.74
CA VAL B 109 12.58 -17.95 -9.52
C VAL B 109 12.81 -16.56 -8.97
N TYR B 110 12.92 -16.45 -7.65
CA TYR B 110 12.87 -15.16 -6.97
C TYR B 110 14.10 -14.96 -6.08
N GLY B 111 14.69 -13.77 -6.14
CA GLY B 111 15.80 -13.40 -5.28
C GLY B 111 15.57 -12.06 -4.63
N LEU B 112 16.53 -11.66 -3.80
CA LEU B 112 16.42 -10.39 -3.08
C LEU B 112 16.88 -9.23 -3.96
N THR B 113 16.33 -8.04 -3.69
CA THR B 113 16.78 -6.79 -4.26
C THR B 113 17.31 -5.88 -3.15
N GLU B 114 17.82 -4.70 -3.53
CA GLU B 114 18.36 -3.78 -2.54
C GLU B 114 17.33 -3.43 -1.47
N GLU B 115 16.08 -3.20 -1.87
CA GLU B 115 15.09 -2.83 -0.87
C GLU B 115 14.63 -4.03 -0.07
N SER B 116 14.51 -5.21 -0.68
CA SER B 116 14.13 -6.34 0.16
C SER B 116 15.30 -6.90 0.96
N ARG B 117 16.56 -6.54 0.63
CA ARG B 117 17.65 -6.94 1.52
C ARG B 117 17.50 -6.33 2.91
N CYS B 118 16.80 -5.22 3.04
CA CYS B 118 16.55 -4.61 4.35
C CYS B 118 15.54 -5.39 5.19
N LEU B 119 14.92 -6.44 4.66
CA LEU B 119 13.96 -7.25 5.37
C LEU B 119 14.61 -8.44 6.04
N VAL B 120 15.94 -8.55 5.93
CA VAL B 120 16.71 -9.61 6.55
C VAL B 120 17.62 -8.96 7.60
N ALA B 121 17.77 -9.62 8.75
CA ALA B 121 18.60 -9.06 9.80
C ALA B 121 20.05 -8.91 9.36
N ASP B 122 20.69 -7.84 9.83
CA ASP B 122 22.09 -7.57 9.53
C ASP B 122 23.00 -8.24 10.55
N LYS B 123 24.28 -7.84 10.52
CA LYS B 123 25.24 -8.36 11.50
C LYS B 123 24.89 -7.96 12.93
N ASN B 124 24.05 -6.95 13.13
CA ASN B 124 23.68 -6.50 14.46
C ASN B 124 22.32 -7.03 14.89
N GLY B 125 21.75 -7.96 14.14
CA GLY B 125 20.55 -8.65 14.53
C GLY B 125 19.24 -7.96 14.22
N VAL B 126 19.25 -6.84 13.50
CA VAL B 126 18.03 -6.03 13.34
C VAL B 126 17.74 -5.78 11.86
N SER B 127 16.46 -5.54 11.59
CA SER B 127 16.02 -5.25 10.22
C SER B 127 14.91 -4.21 10.30
N VAL B 128 14.36 -3.84 9.15
CA VAL B 128 13.25 -2.89 9.16
C VAL B 128 11.91 -3.56 9.40
N VAL B 129 11.90 -4.90 9.55
CA VAL B 129 10.62 -5.62 9.63
C VAL B 129 9.72 -5.10 10.74
N PRO B 130 10.20 -4.83 11.96
CA PRO B 130 9.25 -4.35 12.99
C PRO B 130 8.54 -3.06 12.60
N MET B 131 9.20 -2.16 11.88
CA MET B 131 8.55 -0.91 11.54
C MET B 131 7.54 -1.15 10.44
N LEU B 132 7.87 -2.03 9.49
CA LEU B 132 6.90 -2.34 8.43
C LEU B 132 5.67 -3.03 9.00
N LEU B 133 5.86 -3.93 9.98
CA LEU B 133 4.72 -4.62 10.53
C LEU B 133 3.87 -3.69 11.39
N PHE B 134 4.48 -2.70 12.04
CA PHE B 134 3.66 -1.79 12.85
C PHE B 134 2.85 -0.85 11.96
N THR B 135 3.48 -0.27 10.93
CA THR B 135 2.73 0.72 10.16
C THR B 135 1.61 0.06 9.35
N SER B 136 1.68 -1.26 9.13
CA SER B 136 0.57 -1.95 8.48
C SER B 136 -0.20 -2.84 9.44
N ASP B 137 -0.03 -2.69 10.75
N ASP B 137 -0.06 -2.63 10.75
CA ASP B 137 -0.77 -3.53 11.68
CA ASP B 137 -0.79 -3.42 11.74
C ASP B 137 -2.26 -3.17 11.65
C ASP B 137 -2.29 -3.15 11.65
N LYS B 138 -3.09 -4.14 12.06
CA LYS B 138 -4.54 -4.01 11.95
C LYS B 138 -5.08 -2.78 12.66
N ALA B 139 -4.65 -2.54 13.91
CA ALA B 139 -5.21 -1.41 14.64
C ALA B 139 -4.85 -0.07 14.00
N VAL B 140 -3.69 0.01 13.35
CA VAL B 140 -3.25 1.24 12.69
C VAL B 140 -4.01 1.44 11.39
N VAL B 141 -4.09 0.38 10.59
CA VAL B 141 -4.75 0.50 9.29
C VAL B 141 -6.23 0.79 9.48
N GLU B 142 -6.87 0.17 10.48
CA GLU B 142 -8.28 0.47 10.73
C GLU B 142 -8.48 1.94 11.03
N SER B 143 -7.51 2.55 11.74
CA SER B 143 -7.58 3.98 12.01
C SER B 143 -7.35 4.82 10.76
N PHE B 144 -6.54 4.32 9.83
CA PHE B 144 -6.31 5.04 8.57
C PHE B 144 -7.60 5.28 7.81
N TYR B 145 -8.64 4.47 8.04
CA TYR B 145 -9.92 4.69 7.37
C TYR B 145 -10.59 5.98 7.79
N ASN B 146 -10.18 6.57 8.94
CA ASN B 146 -10.80 7.77 9.45
C ASN B 146 -9.90 8.99 9.34
N ILE B 147 -8.87 8.93 8.48
CA ILE B 147 -7.98 10.06 8.41
C ILE B 147 -8.69 11.26 7.79
N LYS B 148 -9.72 11.03 6.96
CA LYS B 148 -10.46 12.15 6.39
C LYS B 148 -11.21 12.94 7.45
N ASP B 149 -11.49 12.32 8.61
CA ASP B 149 -12.17 13.04 9.68
C ASP B 149 -11.32 14.18 10.23
N VAL B 150 -9.99 14.08 10.11
CA VAL B 150 -9.12 15.17 10.54
C VAL B 150 -9.32 16.39 9.66
N VAL B 151 -9.56 16.18 8.37
CA VAL B 151 -9.89 17.30 7.50
C VAL B 151 -11.27 17.84 7.83
N LEU B 152 -12.23 16.96 8.09
CA LEU B 152 -13.63 17.35 8.16
C LEU B 152 -14.03 17.89 9.53
N GLU B 153 -13.42 17.43 10.62
CA GLU B 153 -13.89 17.80 11.96
C GLU B 153 -12.70 18.20 12.84
N GLU B 154 -12.77 19.41 13.41
CA GLU B 154 -11.68 19.94 14.22
C GLU B 154 -11.43 19.06 15.45
N GLY B 155 -10.17 18.67 15.65
CA GLY B 155 -9.76 17.97 16.86
C GLY B 155 -10.10 16.51 16.95
N VAL B 156 -10.50 15.87 15.87
CA VAL B 156 -10.75 14.43 15.89
C VAL B 156 -9.43 13.69 15.77
N ILE B 157 -9.27 12.64 16.55
CA ILE B 157 -8.10 11.76 16.45
C ILE B 157 -8.57 10.46 15.82
N PRO B 158 -8.10 10.11 14.62
CA PRO B 158 -8.63 8.92 13.92
C PRO B 158 -8.58 7.66 14.75
N PHE B 159 -7.47 7.41 15.47
CA PHE B 159 -7.38 6.21 16.29
C PHE B 159 -8.47 6.21 17.36
N ASP B 160 -8.70 7.36 17.99
CA ASP B 160 -9.68 7.44 19.07
C ASP B 160 -11.09 7.18 18.55
N ARG B 161 -11.44 7.75 17.39
CA ARG B 161 -12.75 7.50 16.82
C ARG B 161 -12.92 6.04 16.42
N THR B 162 -11.84 5.41 15.97
CA THR B 162 -11.91 4.02 15.53
C THR B 162 -12.08 3.07 16.71
N HIS B 163 -11.23 3.21 17.73
CA HIS B 163 -11.18 2.25 18.83
C HIS B 163 -11.79 2.79 20.12
N GLY B 164 -12.42 3.96 20.08
CA GLY B 164 -13.14 4.47 21.23
C GLY B 164 -12.28 4.83 22.43
N MET B 165 -10.97 4.94 22.25
CA MET B 165 -10.08 5.24 23.36
C MET B 165 -8.73 5.69 22.80
N ASP B 166 -7.86 6.11 23.71
CA ASP B 166 -6.51 6.57 23.39
C ASP B 166 -5.66 5.44 22.81
N PHE B 167 -4.58 5.83 22.12
CA PHE B 167 -3.65 4.83 21.60
C PHE B 167 -2.88 4.16 22.73
N PHE B 168 -2.31 4.96 23.64
CA PHE B 168 -1.57 4.36 24.74
C PHE B 168 -2.50 3.62 25.70
N ALA B 169 -3.75 4.08 25.85
CA ALA B 169 -4.73 3.29 26.58
C ALA B 169 -5.04 1.97 25.87
N TYR B 170 -5.11 1.98 24.55
CA TYR B 170 -5.36 0.77 23.77
C TYR B 170 -4.19 -0.22 23.89
N SER B 176 -0.06 -6.80 22.79
CA SER B 176 0.18 -7.10 21.37
C SER B 176 0.49 -5.82 20.57
N VAL B 177 -0.42 -4.85 20.62
CA VAL B 177 -0.19 -3.60 19.92
C VAL B 177 0.95 -2.82 20.57
N ASN B 178 1.01 -2.85 21.90
CA ASN B 178 2.08 -2.14 22.61
C ASN B 178 3.42 -2.76 22.27
N LYS B 179 3.45 -4.09 22.15
CA LYS B 179 4.64 -4.79 21.69
C LYS B 179 5.07 -4.29 20.32
N SER B 180 4.17 -4.35 19.35
CA SER B 180 4.46 -3.92 17.99
C SER B 180 5.01 -2.51 17.98
N PHE B 181 4.42 -1.62 18.77
CA PHE B 181 4.83 -0.22 18.75
C PHE B 181 6.23 -0.04 19.29
N ASN B 182 6.51 -0.65 20.45
CA ASN B 182 7.81 -0.48 21.09
C ASN B 182 8.93 -1.03 20.21
N GLN B 183 8.71 -2.20 19.62
CA GLN B 183 9.73 -2.80 18.77
C GLN B 183 9.91 -2.02 17.46
N ALA B 184 8.82 -1.50 16.89
CA ALA B 184 8.98 -0.61 15.74
C ALA B 184 9.86 0.58 16.07
N MET B 185 9.54 1.29 17.16
CA MET B 185 10.32 2.48 17.50
C MET B 185 11.74 2.12 17.90
N GLY B 186 11.94 0.96 18.53
CA GLY B 186 13.28 0.54 18.91
C GLY B 186 14.14 0.16 17.73
N ALA B 187 13.59 -0.63 16.79
CA ALA B 187 14.33 -0.99 15.59
C ALA B 187 14.69 0.25 14.80
N GLY B 188 13.72 1.15 14.62
CA GLY B 188 13.98 2.36 13.87
C GLY B 188 15.07 3.20 14.49
N SER B 189 15.07 3.32 15.82
CA SER B 189 16.10 4.11 16.47
C SER B 189 17.46 3.43 16.37
N THR B 190 17.51 2.11 16.53
CA THR B 190 18.76 1.35 16.41
C THR B 190 19.36 1.48 15.00
N ILE B 191 18.54 1.29 13.98
CA ILE B 191 19.00 1.46 12.61
C ILE B 191 19.50 2.88 12.38
N ALA B 192 18.73 3.89 12.83
CA ALA B 192 19.13 5.28 12.61
C ALA B 192 20.45 5.60 13.30
N PHE B 193 20.60 5.17 14.55
CA PHE B 193 21.81 5.57 15.27
C PHE B 193 23.02 4.77 14.83
N ASP B 194 22.86 3.53 14.39
CA ASP B 194 24.00 2.86 13.79
C ASP B 194 24.55 3.69 12.64
N GLU B 195 23.67 4.36 11.88
CA GLU B 195 24.18 5.20 10.80
C GLU B 195 24.70 6.54 11.34
N VAL B 196 24.03 7.14 12.33
CA VAL B 196 24.51 8.38 12.93
C VAL B 196 25.94 8.22 13.40
N PHE B 197 26.22 7.13 14.11
CA PHE B 197 27.56 6.93 14.68
C PHE B 197 28.63 6.79 13.60
N LYS B 198 28.27 6.25 12.43
CA LYS B 198 29.23 6.08 11.34
C LYS B 198 29.57 7.42 10.66
N VAL B 199 28.62 8.32 10.58
CA VAL B 199 28.72 9.52 9.75
C VAL B 199 28.98 10.76 10.58
N TYR B 200 28.34 10.89 11.75
CA TYR B 200 28.42 12.07 12.59
C TYR B 200 29.48 11.86 13.66
N LYS B 201 30.41 12.80 13.76
CA LYS B 201 31.56 12.65 14.65
C LYS B 201 31.46 13.55 15.87
N GLY B 202 30.29 14.10 16.14
CA GLY B 202 30.13 15.13 17.14
C GLY B 202 30.02 14.64 18.56
N PHE B 203 29.93 13.31 18.79
CA PHE B 203 29.90 12.79 20.16
C PHE B 203 31.30 12.57 20.73
N HIS B 204 32.31 12.42 19.88
CA HIS B 204 33.59 11.90 20.34
C HIS B 204 34.20 12.77 21.43
N ASP B 205 34.13 14.10 21.29
CA ASP B 205 34.81 14.99 22.22
C ASP B 205 33.88 15.67 23.23
N LEU B 206 32.62 15.28 23.32
CA LEU B 206 31.76 15.84 24.36
C LEU B 206 32.24 15.39 25.73
N LYS B 207 32.11 16.27 26.71
CA LYS B 207 32.45 15.97 28.10
C LYS B 207 31.23 15.62 28.95
N GLU B 208 30.04 16.05 28.53
CA GLU B 208 28.84 15.90 29.34
C GLU B 208 27.66 15.98 28.40
N LEU B 209 26.63 15.18 28.66
CA LEU B 209 25.45 15.15 27.79
C LEU B 209 24.21 14.85 28.62
N VAL B 210 23.15 15.68 28.47
CA VAL B 210 21.83 15.38 29.03
C VAL B 210 20.96 14.81 27.94
N ASN B 211 20.39 13.64 28.18
CA ASN B 211 19.40 13.05 27.26
C ASN B 211 18.01 13.44 27.75
N VAL B 212 17.34 14.34 27.01
CA VAL B 212 16.01 14.78 27.45
C VAL B 212 14.97 13.77 26.94
N GLY B 213 14.14 13.25 27.84
CA GLY B 213 13.23 12.19 27.41
C GLY B 213 13.95 10.86 27.22
N GLY B 214 14.94 10.57 28.07
CA GLY B 214 15.74 9.37 27.90
C GLY B 214 15.15 8.06 28.37
N GLY B 215 13.89 8.02 28.82
CA GLY B 215 13.33 6.77 29.28
C GLY B 215 14.02 6.34 30.55
N ILE B 216 14.35 5.05 30.65
CA ILE B 216 15.09 4.62 31.83
C ILE B 216 16.59 4.79 31.66
N GLY B 217 17.02 5.39 30.55
CA GLY B 217 18.43 5.75 30.36
C GLY B 217 19.26 4.75 29.60
N THR B 218 18.64 3.70 29.05
CA THR B 218 19.39 2.65 28.36
C THR B 218 20.13 3.22 27.16
N SER B 219 19.43 4.03 26.39
CA SER B 219 20.00 4.52 25.15
C SER B 219 21.20 5.41 25.41
N LEU B 220 21.08 6.31 26.39
CA LEU B 220 22.23 7.13 26.79
C LEU B 220 23.39 6.27 27.33
N SER B 221 23.08 5.24 28.13
CA SER B 221 24.14 4.37 28.61
C SER B 221 24.89 3.73 27.46
N ASN B 222 24.18 3.38 26.38
CA ASN B 222 24.84 2.77 25.25
C ASN B 222 25.65 3.77 24.44
N ILE B 223 25.23 5.04 24.39
CA ILE B 223 26.08 6.08 23.80
C ILE B 223 27.38 6.20 24.60
N ILE B 224 27.29 6.23 25.93
CA ILE B 224 28.48 6.36 26.76
C ILE B 224 29.37 5.12 26.65
N PHE B 225 28.78 3.95 26.41
CA PHE B 225 29.61 2.77 26.19
C PHE B 225 30.51 2.96 24.97
N LYS B 226 29.97 3.61 23.94
CA LYS B 226 30.75 3.88 22.74
C LYS B 226 31.69 5.07 22.93
N TYR B 227 31.35 6.01 23.80
CA TYR B 227 32.13 7.25 24.03
C TYR B 227 32.29 7.45 25.53
N PRO B 228 33.23 6.72 26.14
CA PRO B 228 33.26 6.60 27.60
C PRO B 228 33.69 7.85 28.36
N HIS B 229 34.15 8.89 27.68
CA HIS B 229 34.51 10.11 28.39
C HIS B 229 33.32 11.00 28.64
N ILE B 230 32.17 10.69 28.04
CA ILE B 230 30.97 11.50 28.28
C ILE B 230 30.43 11.21 29.67
N LYS B 231 30.18 12.26 30.45
CA LYS B 231 29.39 12.16 31.68
C LYS B 231 27.92 12.34 31.33
N GLY B 232 27.09 11.33 31.58
CA GLY B 232 25.71 11.34 31.10
C GLY B 232 24.70 11.68 32.19
N ILE B 233 23.66 12.44 31.79
CA ILE B 233 22.51 12.69 32.65
C ILE B 233 21.26 12.22 31.91
N ASN B 234 20.51 11.29 32.53
CA ASN B 234 19.23 10.87 31.97
C ASN B 234 18.13 11.70 32.61
N PHE B 235 17.39 12.47 31.81
CA PHE B 235 16.38 13.39 32.33
C PHE B 235 15.02 12.95 31.83
N GLU B 236 14.12 12.64 32.75
CA GLU B 236 12.87 12.02 32.33
C GLU B 236 11.85 12.33 33.41
N LEU B 237 10.58 12.14 33.06
CA LEU B 237 9.51 12.38 34.02
C LEU B 237 9.65 11.45 35.22
N PRO B 238 9.22 11.89 36.40
CA PRO B 238 9.48 11.10 37.62
C PRO B 238 8.93 9.68 37.60
N HIS B 239 7.74 9.43 37.06
CA HIS B 239 7.23 8.07 37.18
C HIS B 239 7.97 7.10 36.27
N VAL B 240 8.58 7.60 35.19
CA VAL B 240 9.38 6.77 34.30
C VAL B 240 10.72 6.43 34.93
N ILE B 241 11.40 7.44 35.48
CA ILE B 241 12.70 7.24 36.11
C ILE B 241 12.63 6.41 37.36
N ALA B 242 11.47 6.39 38.03
CA ALA B 242 11.32 5.58 39.23
C ALA B 242 11.72 4.13 39.00
N ASP B 243 11.49 3.62 37.80
CA ASP B 243 11.76 2.23 37.48
C ASP B 243 13.18 1.99 36.98
N ALA B 244 14.02 3.04 36.87
CA ALA B 244 15.28 2.93 36.11
C ALA B 244 16.37 2.27 36.95
N PRO B 245 17.13 1.35 36.35
CA PRO B 245 18.30 0.79 37.03
C PRO B 245 19.47 1.77 36.99
N ASN B 246 20.53 1.40 37.70
CA ASN B 246 21.76 2.17 37.63
C ASN B 246 22.58 1.71 36.42
N TYR B 247 23.06 2.68 35.61
CA TYR B 247 23.88 2.41 34.45
C TYR B 247 25.23 3.11 34.58
N PRO B 248 26.29 2.51 34.04
CA PRO B 248 27.61 3.12 34.15
C PRO B 248 27.66 4.47 33.43
N GLY B 249 28.19 5.48 34.15
CA GLY B 249 28.33 6.82 33.61
C GLY B 249 27.06 7.64 33.52
N VAL B 250 25.93 7.15 34.03
CA VAL B 250 24.65 7.84 33.88
C VAL B 250 24.16 8.25 35.26
N GLU B 251 23.75 9.50 35.38
CA GLU B 251 23.02 9.97 36.57
C GLU B 251 21.58 10.25 36.19
N HIS B 252 20.62 9.80 37.03
CA HIS B 252 19.22 10.02 36.72
C HIS B 252 18.72 11.30 37.36
N ILE B 253 18.00 12.13 36.60
CA ILE B 253 17.38 13.33 37.19
C ILE B 253 15.93 13.36 36.73
N ALA B 254 15.01 13.48 37.66
CA ALA B 254 13.59 13.48 37.31
C ALA B 254 13.07 14.91 37.13
N GLY B 255 12.18 15.11 36.17
CA GLY B 255 11.52 16.40 36.06
C GLY B 255 10.78 16.54 34.75
N ASN B 256 10.27 17.75 34.52
CA ASN B 256 9.38 18.06 33.40
C ASN B 256 10.10 19.03 32.46
N MET B 257 10.40 18.58 31.23
CA MET B 257 11.13 19.41 30.28
C MET B 257 10.40 20.71 29.91
N PHE B 258 9.09 20.80 30.14
CA PHE B 258 8.45 22.08 29.81
C PHE B 258 8.63 23.12 30.91
N GLU B 259 9.07 22.70 32.09
CA GLU B 259 9.44 23.63 33.16
C GLU B 259 10.93 23.94 33.19
N GLY B 260 11.80 22.97 32.89
CA GLY B 260 13.23 23.22 32.89
C GLY B 260 13.99 21.96 32.55
N VAL B 261 15.24 22.15 32.14
CA VAL B 261 16.12 21.05 31.78
C VAL B 261 17.37 21.12 32.67
N PRO B 262 18.01 20.00 33.03
CA PRO B 262 19.19 20.10 33.91
C PRO B 262 20.34 20.84 33.20
N ASN B 263 21.08 21.63 33.98
CA ASN B 263 22.29 22.30 33.48
C ASN B 263 23.30 21.29 32.99
N ALA B 264 23.86 21.52 31.79
CA ALA B 264 24.91 20.64 31.31
C ALA B 264 25.54 21.32 30.12
N GLN B 265 26.68 20.79 29.69
CA GLN B 265 27.40 21.38 28.57
C GLN B 265 26.67 21.17 27.26
N ASN B 266 25.96 20.05 27.09
CA ASN B 266 25.30 19.69 25.85
C ASN B 266 24.02 18.93 26.16
N ILE B 267 23.04 19.04 25.26
CA ILE B 267 21.73 18.42 25.45
C ILE B 267 21.42 17.62 24.20
N LEU B 268 20.91 16.40 24.37
CA LEU B 268 20.48 15.54 23.25
C LEU B 268 18.97 15.48 23.19
N LEU B 269 18.39 15.81 22.03
CA LEU B 269 16.94 15.69 21.77
C LEU B 269 16.80 14.69 20.64
N LYS B 270 16.58 13.41 20.98
CA LYS B 270 16.45 12.40 19.93
C LYS B 270 14.96 12.06 19.79
N TRP B 271 14.41 12.38 18.62
CA TRP B 271 13.03 12.03 18.30
C TRP B 271 12.04 12.70 19.24
N VAL B 272 12.42 13.84 19.79
CA VAL B 272 11.52 14.56 20.70
C VAL B 272 10.68 15.61 19.97
N LEU B 273 11.33 16.49 19.19
CA LEU B 273 10.61 17.66 18.69
C LEU B 273 9.51 17.31 17.70
N HIS B 274 9.65 16.21 16.96
CA HIS B 274 8.54 15.95 16.03
C HIS B 274 7.25 15.57 16.72
N ASP B 275 7.28 15.27 18.02
CA ASP B 275 6.08 14.95 18.78
C ASP B 275 5.26 16.17 19.17
N TRP B 276 5.77 17.40 18.93
CA TRP B 276 5.20 18.62 19.50
C TRP B 276 5.00 19.71 18.44
N ASP B 277 3.96 20.53 18.63
CA ASP B 277 3.70 21.67 17.75
C ASP B 277 4.75 22.76 17.97
N ASP B 278 4.70 23.80 17.14
CA ASP B 278 5.78 24.79 17.15
C ASP B 278 5.89 25.49 18.50
N GLU B 279 4.76 25.91 19.08
CA GLU B 279 4.79 26.59 20.38
C GLU B 279 5.46 25.73 21.47
N ARG B 280 5.09 24.45 21.56
CA ARG B 280 5.69 23.60 22.59
C ARG B 280 7.15 23.29 22.29
N SER B 281 7.49 23.12 21.00
CA SER B 281 8.88 22.90 20.66
C SER B 281 9.76 24.07 21.01
N ILE B 282 9.29 25.29 20.70
CA ILE B 282 10.06 26.47 21.09
C ILE B 282 10.22 26.52 22.61
N LYS B 283 9.17 26.17 23.38
CA LYS B 283 9.31 26.18 24.83
C LYS B 283 10.39 25.20 25.30
N ILE B 284 10.40 23.99 24.75
CA ILE B 284 11.44 23.02 25.12
C ILE B 284 12.82 23.61 24.81
N LEU B 285 12.96 24.19 23.62
CA LEU B 285 14.27 24.70 23.22
C LEU B 285 14.66 25.95 24.01
N GLN B 286 13.69 26.78 24.43
CA GLN B 286 14.02 27.90 25.31
C GLN B 286 14.51 27.38 26.64
N ASN B 287 13.92 26.28 27.14
CA ASN B 287 14.44 25.69 28.37
C ASN B 287 15.83 25.10 28.17
N CYS B 288 16.10 24.52 26.98
CA CYS B 288 17.46 24.06 26.71
C CYS B 288 18.42 25.23 26.72
N TRP B 289 18.04 26.33 26.07
CA TRP B 289 18.92 27.48 25.97
C TRP B 289 19.30 27.96 27.36
N LYS B 290 18.33 28.01 28.27
CA LYS B 290 18.62 28.44 29.64
C LYS B 290 19.57 27.48 30.37
N ALA B 291 19.53 26.20 30.04
CA ALA B 291 20.30 25.22 30.79
C ALA B 291 21.74 25.11 30.31
N LEU B 292 22.03 25.61 29.14
CA LEU B 292 23.34 25.50 28.55
C LEU B 292 24.23 26.66 28.98
N PRO B 293 25.54 26.45 29.08
CA PRO B 293 26.44 27.59 29.17
C PRO B 293 26.58 28.27 27.81
N GLU B 294 27.15 29.48 27.84
CA GLU B 294 27.65 30.06 26.59
C GLU B 294 28.52 29.02 25.90
N GLY B 295 28.37 28.91 24.59
CA GLY B 295 29.10 27.90 23.83
C GLY B 295 28.50 26.50 23.82
N GLY B 296 27.43 26.23 24.58
CA GLY B 296 26.85 24.90 24.64
C GLY B 296 26.00 24.62 23.41
N THR B 297 25.62 23.35 23.26
CA THR B 297 24.93 22.89 22.06
C THR B 297 23.75 22.00 22.41
N VAL B 298 22.68 22.11 21.63
CA VAL B 298 21.64 21.09 21.60
C VAL B 298 21.88 20.25 20.35
N ILE B 299 21.94 18.94 20.54
CA ILE B 299 22.08 17.99 19.42
C ILE B 299 20.69 17.40 19.18
N VAL B 300 20.18 17.52 17.95
CA VAL B 300 18.81 17.13 17.62
C VAL B 300 18.91 16.04 16.58
N VAL B 301 18.25 14.90 16.81
CA VAL B 301 18.24 13.79 15.83
C VAL B 301 16.80 13.60 15.36
N GLU B 302 16.58 13.78 14.06
CA GLU B 302 15.24 13.74 13.45
C GLU B 302 15.36 13.38 11.98
N PHE B 303 14.28 12.81 11.43
CA PHE B 303 14.12 12.84 9.98
C PHE B 303 13.59 14.21 9.58
N VAL B 304 13.96 14.67 8.38
CA VAL B 304 13.49 15.98 7.94
C VAL B 304 12.72 15.81 6.65
N LEU B 305 11.71 16.64 6.48
CA LEU B 305 11.01 16.72 5.20
C LEU B 305 11.91 17.40 4.18
N PRO B 306 12.09 16.85 2.99
CA PRO B 306 12.84 17.55 1.94
C PRO B 306 12.08 18.77 1.45
N GLN B 307 12.83 19.71 0.87
CA GLN B 307 12.21 20.88 0.23
C GLN B 307 11.35 20.47 -0.95
N ILE B 308 11.86 19.59 -1.82
CA ILE B 308 11.11 19.05 -2.95
C ILE B 308 10.85 17.58 -2.68
N LEU B 309 9.57 17.18 -2.73
CA LEU B 309 9.21 15.79 -2.46
C LEU B 309 9.31 14.94 -3.72
N GLY B 310 9.69 13.69 -3.52
CA GLY B 310 9.82 12.79 -4.65
C GLY B 310 9.47 11.37 -4.23
N ASN B 311 9.56 10.47 -5.19
CA ASN B 311 9.18 9.07 -4.92
C ASN B 311 10.40 8.33 -4.36
N ASN B 312 10.74 8.67 -3.12
CA ASN B 312 12.02 8.16 -2.58
C ASN B 312 11.94 8.14 -1.07
N ALA B 313 12.83 7.35 -0.45
CA ALA B 313 12.79 7.18 1.01
C ALA B 313 13.08 8.47 1.72
N GLU B 314 13.91 9.32 1.13
CA GLU B 314 14.14 10.63 1.76
C GLU B 314 12.84 11.41 1.95
N SER B 315 11.88 11.28 1.03
CA SER B 315 10.55 11.86 1.26
C SER B 315 9.68 10.99 2.18
N PHE B 316 9.62 9.67 1.94
CA PHE B 316 8.65 8.89 2.68
C PHE B 316 9.06 8.65 4.13
N ASN B 317 10.35 8.74 4.45
CA ASN B 317 10.78 8.60 5.85
C ASN B 317 10.34 9.77 6.73
N ALA B 318 9.92 10.89 6.14
CA ALA B 318 9.21 11.91 6.89
C ALA B 318 7.72 11.93 6.60
N LEU B 319 7.28 11.58 5.38
CA LEU B 319 5.84 11.62 5.11
C LEU B 319 5.09 10.55 5.88
N THR B 320 5.65 9.34 5.97
CA THR B 320 4.93 8.26 6.65
C THR B 320 4.75 8.53 8.15
N PRO B 321 5.81 8.91 8.92
CA PRO B 321 5.59 9.30 10.33
C PRO B 321 4.59 10.41 10.48
N ASP B 322 4.62 11.36 9.56
CA ASP B 322 3.65 12.45 9.58
C ASP B 322 2.21 11.93 9.45
N LEU B 323 1.96 10.95 8.56
CA LEU B 323 0.62 10.42 8.45
C LEU B 323 0.26 9.59 9.69
N LEU B 324 1.22 8.85 10.24
CA LEU B 324 0.95 8.08 11.47
C LEU B 324 0.59 9.00 12.63
N MET B 325 1.29 10.12 12.76
CA MET B 325 0.96 11.07 13.82
C MET B 325 -0.42 11.68 13.61
N MET B 326 -0.77 11.96 12.35
CA MET B 326 -2.10 12.47 12.07
C MET B 326 -3.18 11.50 12.53
N THR B 327 -2.88 10.21 12.45
CA THR B 327 -3.77 9.15 12.86
C THR B 327 -3.67 8.82 14.35
N LEU B 328 -2.50 9.06 14.95
CA LEU B 328 -2.20 8.67 16.33
C LEU B 328 -1.89 9.84 17.27
N ASN B 329 -1.04 10.80 16.88
CA ASN B 329 -0.59 11.89 17.77
C ASN B 329 -0.85 13.22 17.09
N PRO B 330 -2.07 13.73 17.16
CA PRO B 330 -2.28 15.13 16.78
C PRO B 330 -1.36 16.04 17.57
N GLY B 331 -0.86 17.05 16.90
CA GLY B 331 0.00 18.01 17.55
C GLY B 331 1.38 17.96 16.93
N GLY B 332 1.88 16.74 16.76
CA GLY B 332 3.22 16.57 16.21
C GLY B 332 3.25 16.82 14.72
N LYS B 333 4.46 16.95 14.20
CA LYS B 333 4.60 17.22 12.76
C LYS B 333 6.05 17.05 12.36
N GLU B 334 6.26 16.68 11.10
CA GLU B 334 7.63 16.67 10.60
C GLU B 334 7.95 18.03 9.96
N ARG B 335 9.25 18.33 9.90
CA ARG B 335 9.66 19.68 9.53
C ARG B 335 10.80 19.59 8.53
N THR B 336 10.96 20.67 7.74
CA THR B 336 12.12 20.86 6.86
C THR B 336 13.31 21.39 7.64
N THR B 337 14.49 21.31 7.02
CA THR B 337 15.65 21.92 7.71
C THR B 337 15.39 23.40 7.97
N THR B 338 14.76 24.09 7.03
CA THR B 338 14.51 25.51 7.24
C THR B 338 13.57 25.74 8.42
N GLU B 339 12.58 24.86 8.59
CA GLU B 339 11.70 24.97 9.75
C GLU B 339 12.44 24.66 11.06
N PHE B 340 13.38 23.71 11.06
CA PHE B 340 14.14 23.46 12.30
C PHE B 340 15.00 24.66 12.65
N ASP B 341 15.63 25.27 11.64
CA ASP B 341 16.40 26.48 11.93
C ASP B 341 15.52 27.56 12.51
N GLY B 342 14.30 27.72 11.96
CA GLY B 342 13.36 28.69 12.52
C GLY B 342 13.05 28.46 13.99
N LEU B 343 12.86 27.19 14.40
CA LEU B 343 12.57 26.92 15.81
C LEU B 343 13.75 27.30 16.67
N ALA B 344 14.95 26.92 16.23
CA ALA B 344 16.14 27.18 17.05
C ALA B 344 16.38 28.67 17.19
N LYS B 345 16.20 29.42 16.11
CA LYS B 345 16.49 30.85 16.18
C LYS B 345 15.44 31.54 17.04
N ALA B 346 14.17 31.07 16.95
CA ALA B 346 13.13 31.64 17.79
C ALA B 346 13.39 31.34 19.26
N ALA B 347 14.03 30.20 19.56
CA ALA B 347 14.38 29.86 20.93
C ALA B 347 15.65 30.54 21.40
N GLY B 348 16.30 31.36 20.55
CA GLY B 348 17.42 32.18 20.97
C GLY B 348 18.79 31.68 20.57
N PHE B 349 18.87 30.56 19.86
CA PHE B 349 20.17 30.04 19.44
C PHE B 349 20.75 30.86 18.29
N ALA B 350 22.08 31.00 18.30
CA ALA B 350 22.78 31.89 17.39
C ALA B 350 23.14 31.23 16.07
N GLU B 351 23.23 29.91 16.02
CA GLU B 351 23.68 29.24 14.81
C GLU B 351 23.03 27.86 14.75
N THR B 352 22.60 27.45 13.57
CA THR B 352 22.16 26.08 13.35
C THR B 352 23.18 25.43 12.44
N LYS B 353 23.53 24.20 12.75
CA LYS B 353 24.51 23.47 11.95
C LYS B 353 23.94 22.09 11.63
N PHE B 354 23.94 21.71 10.35
CA PHE B 354 23.25 20.50 9.91
C PHE B 354 24.29 19.44 9.50
N PHE B 355 24.03 18.17 9.87
CA PHE B 355 24.86 17.03 9.50
C PHE B 355 23.95 15.99 8.87
N PRO B 356 23.75 16.04 7.55
CA PRO B 356 22.91 15.02 6.92
C PRO B 356 23.53 13.65 7.07
N ILE B 357 22.70 12.67 7.39
CA ILE B 357 23.22 11.33 7.62
C ILE B 357 22.96 10.50 6.36
N SER B 358 21.68 10.24 6.05
CA SER B 358 21.25 9.54 4.84
C SER B 358 19.72 9.44 4.81
N GLN B 359 19.09 9.41 3.62
CA GLN B 359 17.67 9.03 3.49
C GLN B 359 16.76 9.89 4.36
N GLY B 360 17.09 11.17 4.49
CA GLY B 360 16.30 12.12 5.27
C GLY B 360 16.67 12.25 6.73
N LEU B 361 17.50 11.35 7.27
CA LEU B 361 17.94 11.47 8.66
C LEU B 361 19.00 12.55 8.80
N HIS B 362 18.85 13.41 9.80
CA HIS B 362 19.80 14.49 10.07
C HIS B 362 20.18 14.52 11.53
N VAL B 363 21.42 14.94 11.81
CA VAL B 363 21.78 15.47 13.12
C VAL B 363 21.84 16.97 12.96
N MET B 364 21.26 17.71 13.90
CA MET B 364 21.39 19.16 13.87
C MET B 364 21.97 19.64 15.18
N GLU B 365 22.85 20.63 15.13
CA GLU B 365 23.38 21.22 16.35
C GLU B 365 22.86 22.66 16.43
N PHE B 366 22.29 23.03 17.58
CA PHE B 366 21.84 24.40 17.81
C PHE B 366 22.82 24.97 18.82
N HIS B 367 23.53 26.04 18.44
CA HIS B 367 24.65 26.56 19.22
C HIS B 367 24.26 27.83 19.96
N LYS B 368 24.58 27.87 21.25
CA LYS B 368 24.35 29.03 22.10
C LYS B 368 25.60 29.90 22.04
N ALA B 369 25.43 31.16 21.71
CA ALA B 369 26.54 32.06 21.53
C ALA B 369 27.43 32.19 22.71
N THR B 370 28.71 32.34 22.45
CA THR B 370 29.67 32.59 23.50
C THR B 370 29.95 34.09 23.46
S SO4 C . -24.31 -8.07 -15.98
O1 SO4 C . -25.38 -7.90 -15.02
O2 SO4 C . -23.96 -6.78 -16.57
O3 SO4 C . -24.73 -9.00 -17.03
O4 SO4 C . -23.14 -8.64 -15.30
S SO4 D . -26.01 -17.77 -34.66
O1 SO4 D . -25.84 -16.93 -35.85
O2 SO4 D . -26.32 -16.92 -33.50
O3 SO4 D . -24.76 -18.50 -34.45
O4 SO4 D . -27.12 -18.68 -34.87
#